data_5DGR
#
_entry.id   5DGR
#
_cell.length_a   62.294
_cell.length_b   102.590
_cell.length_c   89.804
_cell.angle_alpha   90.00
_cell.angle_beta   97.22
_cell.angle_gamma   90.00
#
_symmetry.space_group_name_H-M   'P 1 21 1'
#
loop_
_entity.id
_entity.type
_entity.pdbx_description
1 polymer 'Putative endoglucanase-related protein'
2 non-polymer 'SODIUM ION'
3 non-polymer 2-amino-2-deoxy-beta-D-glucopyranose
4 water water
#
_entity_poly.entity_id   1
_entity_poly.type   'polypeptide(L)'
_entity_poly.pdbx_seq_one_letter_code
;MQLLTNHLGYERLGAKQAILQAQPTLALHHADIICCQSGQSIMQLPLQACGPVAQWHIGDTYSIDFTALNICGDYRIRVG
DTESASFCVAEGLLMQNTFSDVLHYFKSQRCSGIYECADKKVPLFGTNETVDVHGGWYDASGDVSKYFSHLSYGNYLNPQ
QTPMVVWNMLTAYEVLEDEESIADFTRVRLVEEALYGADFLLRMQHPQGYFYMTVFDKWSKSTEQREVCAFSTQDGHKSA
DYQAGFRQGAGVAIAALAAASRLSNLASTSRIPQCGDIKADTYLEAAKKGYWHLKEMNHQYLDNGKENIIDEYCALLASV
ELYRSTQENNFLAEARMWADKLMARQMSDHNFAHYWAANDDGSRPYFHAAEAGLPAIALMQYLQIETHAQRAEQCQSVLL
NALNFELSITHEVNNPFGYPRQYTKAVNGDKQSAFFMPHDNETGYWWQGENARIASLITMAYMAQNTINDNEIKSQLMIY
AHRLTDWILGLNPFDMCMLDGHGRNNPDYLPELGFSNAKGGVCNGITSGFENEQGIAFKPEKQKDDMLQNWRWGEQWIPH
GAWYLLAITMQFKERNHVLEHHHHHH
;
_entity_poly.pdbx_strand_id   A,B
#
loop_
_chem_comp.id
_chem_comp.type
_chem_comp.name
_chem_comp.formula
GCS D-saccharide, beta linking 2-amino-2-deoxy-beta-D-glucopyranose 'C6 H13 N O5'
NA non-polymer 'SODIUM ION' 'Na 1'
#
# COMPACT_ATOMS: atom_id res chain seq x y z
N MET A 1 22.13 24.02 -12.34
CA MET A 1 22.79 23.08 -11.41
C MET A 1 21.72 22.33 -10.63
N GLN A 2 22.08 21.16 -10.13
CA GLN A 2 21.14 20.31 -9.41
C GLN A 2 21.72 19.77 -8.08
N LEU A 3 20.97 19.94 -6.97
CA LEU A 3 21.36 19.36 -5.70
C LEU A 3 20.56 18.09 -5.43
N LEU A 4 21.29 17.00 -5.23
CA LEU A 4 20.70 15.67 -4.98
C LEU A 4 20.89 15.27 -3.55
N THR A 5 19.81 14.80 -2.90
CA THR A 5 19.92 14.31 -1.51
C THR A 5 19.06 13.03 -1.41
N ASN A 6 19.28 12.24 -0.36
CA ASN A 6 18.28 11.28 0.10
C ASN A 6 16.90 12.00 0.20
N HIS A 7 15.91 11.53 -0.58
CA HIS A 7 14.61 12.19 -0.59
C HIS A 7 13.92 12.16 0.78
N LEU A 8 14.21 11.15 1.62
CA LEU A 8 13.53 11.04 2.91
C LEU A 8 14.41 11.77 3.96
N GLY A 9 15.72 11.53 3.90
CA GLY A 9 16.61 12.16 4.82
C GLY A 9 17.63 11.22 5.38
N TYR A 10 18.14 11.55 6.57
CA TYR A 10 19.36 10.90 7.12
C TYR A 10 19.12 10.43 8.56
N GLU A 11 19.69 9.26 8.85
CA GLU A 11 19.71 8.72 10.21
C GLU A 11 20.53 9.76 11.08
N ARG A 12 20.04 10.08 12.27
CA ARG A 12 20.58 11.21 13.00
C ARG A 12 22.08 11.16 13.18
N LEU A 13 22.61 10.02 13.61
CA LEU A 13 24.06 9.79 13.81
C LEU A 13 24.66 9.17 12.53
N GLY A 14 23.90 9.05 11.45
CA GLY A 14 24.51 8.49 10.17
C GLY A 14 25.43 9.44 9.37
N ALA A 15 26.14 8.84 8.40
CA ALA A 15 26.95 9.60 7.45
C ALA A 15 25.98 10.36 6.55
N LYS A 16 26.32 11.59 6.23
CA LYS A 16 25.42 12.42 5.45
C LYS A 16 26.15 13.14 4.31
N GLN A 17 25.61 13.01 3.10
CA GLN A 17 26.11 13.84 1.99
C GLN A 17 24.99 14.24 1.03
N ALA A 18 25.27 15.30 0.30
CA ALA A 18 24.48 15.72 -0.85
C ALA A 18 25.47 15.72 -2.05
N ILE A 19 24.97 15.67 -3.27
CA ILE A 19 25.78 15.73 -4.46
C ILE A 19 25.25 16.85 -5.30
N LEU A 20 26.15 17.78 -5.63
CA LEU A 20 25.84 18.84 -6.55
C LEU A 20 26.25 18.49 -7.99
N GLN A 21 25.33 18.61 -8.94
CA GLN A 21 25.75 18.58 -10.37
C GLN A 21 25.93 20.05 -10.85
N ALA A 22 27.12 20.44 -11.33
CA ALA A 22 27.37 21.88 -11.77
C ALA A 22 28.41 22.06 -12.89
N GLN A 23 28.38 23.22 -13.57
CA GLN A 23 29.28 23.49 -14.71
C GLN A 23 30.66 24.01 -14.32
N HIS A 29 32.38 27.80 -4.00
CA HIS A 29 33.24 26.97 -3.17
C HIS A 29 32.64 26.43 -1.82
N HIS A 30 31.45 26.89 -1.41
CA HIS A 30 30.84 26.42 -0.15
C HIS A 30 29.33 26.11 -0.32
N ALA A 31 28.78 25.24 0.53
CA ALA A 31 27.35 24.94 0.61
C ALA A 31 26.91 25.39 2.00
N ASP A 32 25.66 25.79 2.13
CA ASP A 32 25.05 25.96 3.45
C ASP A 32 23.93 24.99 3.70
N ILE A 33 23.82 24.54 4.96
CA ILE A 33 22.62 23.86 5.47
C ILE A 33 21.62 24.90 6.04
N ILE A 34 20.42 24.93 5.52
CA ILE A 34 19.38 25.80 6.01
C ILE A 34 18.42 25.02 6.89
N CYS A 35 18.21 25.47 8.14
CA CYS A 35 17.14 24.99 9.03
C CYS A 35 15.85 25.58 8.52
N CYS A 36 14.95 24.69 8.12
CA CYS A 36 13.73 25.09 7.41
C CYS A 36 12.93 26.14 8.22
N GLN A 37 12.79 25.87 9.52
CA GLN A 37 12.13 26.77 10.49
C GLN A 37 12.41 28.28 10.24
N SER A 38 13.67 28.72 10.38
CA SER A 38 14.04 30.13 10.09
C SER A 38 14.31 30.47 8.61
N GLY A 39 15.02 29.58 7.91
CA GLY A 39 15.52 29.87 6.57
C GLY A 39 16.90 30.50 6.66
N GLN A 40 17.60 30.23 7.75
CA GLN A 40 18.94 30.76 8.04
C GLN A 40 19.99 29.63 8.05
N SER A 41 21.21 29.96 7.58
CA SER A 41 22.30 28.98 7.43
C SER A 41 22.90 28.55 8.78
N ILE A 42 22.90 27.23 9.05
CA ILE A 42 23.37 26.69 10.33
C ILE A 42 24.68 25.90 10.26
N MET A 43 25.30 25.79 9.07
CA MET A 43 26.59 25.09 8.86
C MET A 43 27.05 25.38 7.41
N GLN A 44 28.35 25.60 7.23
CA GLN A 44 28.95 25.95 5.94
C GLN A 44 29.85 24.83 5.64
N LEU A 45 29.83 24.37 4.40
CA LEU A 45 30.59 23.18 4.04
C LEU A 45 31.31 23.43 2.76
N PRO A 46 32.52 22.86 2.63
CA PRO A 46 33.25 22.99 1.38
C PRO A 46 32.71 22.03 0.31
N LEU A 47 32.90 22.34 -0.97
CA LEU A 47 32.52 21.43 -2.06
C LEU A 47 33.71 20.61 -2.41
N GLN A 48 33.54 19.31 -2.53
CA GLN A 48 34.65 18.51 -2.95
C GLN A 48 34.37 18.01 -4.33
N ALA A 49 35.17 18.42 -5.29
CA ALA A 49 34.99 17.96 -6.67
C ALA A 49 35.13 16.44 -6.78
N CYS A 50 34.27 15.79 -7.57
CA CYS A 50 34.41 14.35 -7.67
C CYS A 50 34.77 13.92 -9.10
N GLY A 51 34.67 14.85 -10.04
CA GLY A 51 35.02 14.60 -11.42
C GLY A 51 33.96 13.75 -12.15
N PRO A 52 34.37 13.17 -13.30
CA PRO A 52 33.47 12.37 -14.17
C PRO A 52 33.34 10.88 -13.72
N VAL A 53 32.17 10.24 -13.94
CA VAL A 53 32.01 8.80 -13.57
C VAL A 53 31.94 7.94 -14.83
N ALA A 54 32.84 6.98 -14.96
CA ALA A 54 32.84 5.98 -16.04
C ALA A 54 32.51 6.66 -17.38
N GLN A 55 31.56 6.13 -18.15
CA GLN A 55 30.92 6.94 -19.17
C GLN A 55 29.48 7.29 -18.89
N TRP A 56 29.17 7.66 -17.64
CA TRP A 56 27.80 8.12 -17.32
C TRP A 56 27.40 9.43 -17.99
N HIS A 57 28.41 10.30 -18.26
CA HIS A 57 28.17 11.62 -18.87
C HIS A 57 27.18 12.47 -18.06
N ILE A 58 27.31 12.49 -16.73
CA ILE A 58 26.37 13.30 -15.90
C ILE A 58 27.02 14.65 -15.58
N GLY A 59 28.18 14.88 -16.20
CA GLY A 59 28.93 16.11 -16.03
C GLY A 59 29.76 16.03 -14.78
N ASP A 60 30.02 17.20 -14.21
CA ASP A 60 30.91 17.34 -13.06
C ASP A 60 30.09 17.21 -11.83
N THR A 61 30.67 16.59 -10.81
CA THR A 61 29.96 16.44 -9.54
C THR A 61 30.80 16.91 -8.34
N TYR A 62 30.14 17.35 -7.30
CA TYR A 62 30.79 17.79 -6.09
C TYR A 62 30.01 17.17 -4.94
N SER A 63 30.71 16.64 -3.96
CA SER A 63 30.03 16.15 -2.77
C SER A 63 30.12 17.20 -1.65
N ILE A 64 29.13 17.17 -0.78
CA ILE A 64 28.97 18.01 0.38
C ILE A 64 28.78 17.07 1.60
N ASP A 65 29.79 17.00 2.47
CA ASP A 65 29.72 16.12 3.64
C ASP A 65 29.18 16.84 4.89
N PHE A 66 27.99 16.48 5.36
CA PHE A 66 27.36 17.14 6.54
C PHE A 66 27.02 16.16 7.63
N THR A 67 27.90 15.17 7.78
CA THR A 67 27.75 14.14 8.79
C THR A 67 27.61 14.76 10.19
N ALA A 68 28.30 15.90 10.43
CA ALA A 68 28.39 16.53 11.78
C ALA A 68 27.02 17.00 12.27
N LEU A 69 26.12 17.31 11.36
CA LEU A 69 24.73 17.62 11.66
C LEU A 69 24.04 16.39 12.30
N ASN A 70 23.80 16.53 13.60
CA ASN A 70 23.42 15.56 14.57
C ASN A 70 22.02 15.90 15.08
N ILE A 71 21.48 17.03 14.67
CA ILE A 71 20.36 17.62 15.40
C ILE A 71 19.17 17.30 14.55
N CYS A 72 18.09 16.79 15.16
CA CYS A 72 16.82 16.44 14.41
C CYS A 72 16.14 17.64 13.93
N GLY A 73 15.51 17.53 12.77
CA GLY A 73 14.64 18.57 12.21
C GLY A 73 14.60 18.46 10.70
N ASP A 74 13.99 19.44 10.06
CA ASP A 74 13.90 19.50 8.61
C ASP A 74 14.94 20.48 8.05
N TYR A 75 15.55 20.18 6.90
CA TYR A 75 16.67 20.99 6.40
C TYR A 75 16.68 20.99 4.90
N ARG A 76 17.41 21.97 4.33
CA ARG A 76 17.76 22.04 2.92
C ARG A 76 19.23 22.36 2.76
N ILE A 77 19.79 22.00 1.61
CA ILE A 77 21.15 22.38 1.22
C ILE A 77 21.00 23.47 0.21
N ARG A 78 21.91 24.45 0.25
CA ARG A 78 21.94 25.57 -0.67
C ARG A 78 23.34 25.78 -1.15
N VAL A 79 23.44 25.94 -2.46
CA VAL A 79 24.66 26.34 -3.11
C VAL A 79 24.27 27.48 -4.05
N GLY A 80 24.74 28.68 -3.74
CA GLY A 80 24.46 29.85 -4.57
C GLY A 80 22.98 30.10 -4.52
N ASP A 81 22.38 30.19 -5.71
CA ASP A 81 20.97 30.38 -5.91
C ASP A 81 20.21 29.05 -5.99
N THR A 82 20.89 27.89 -5.89
CA THR A 82 20.24 26.56 -6.02
C THR A 82 20.03 25.94 -4.66
N GLU A 83 18.89 25.29 -4.48
CA GLU A 83 18.56 24.61 -3.20
C GLU A 83 18.07 23.21 -3.49
N SER A 84 18.45 22.29 -2.62
CA SER A 84 17.83 20.92 -2.61
C SER A 84 16.37 21.02 -2.13
N ALA A 85 15.62 19.91 -2.25
CA ALA A 85 14.36 19.68 -1.60
C ALA A 85 14.61 19.53 -0.13
N SER A 86 13.55 19.72 0.64
CA SER A 86 13.59 19.48 2.09
C SER A 86 13.82 18.01 2.43
N PHE A 87 14.55 17.72 3.52
CA PHE A 87 14.70 16.35 4.01
C PHE A 87 14.76 16.41 5.55
N CYS A 88 14.60 15.23 6.17
CA CYS A 88 14.49 15.09 7.59
C CYS A 88 15.80 14.48 8.17
N VAL A 89 16.19 14.90 9.35
CA VAL A 89 17.22 14.22 10.10
C VAL A 89 16.50 13.71 11.35
N ALA A 90 16.57 12.40 11.61
CA ALA A 90 15.81 11.76 12.73
C ALA A 90 16.45 10.46 13.17
N GLU A 91 16.23 10.11 14.44
CA GLU A 91 16.66 8.84 14.96
C GLU A 91 15.63 7.83 14.43
N GLY A 92 16.12 6.70 13.92
CA GLY A 92 15.24 5.55 13.46
C GLY A 92 14.37 6.01 12.29
N LEU A 93 14.89 6.95 11.48
CA LEU A 93 14.11 7.59 10.44
C LEU A 93 13.39 6.55 9.47
N LEU A 94 14.16 5.63 8.89
CA LEU A 94 13.52 4.67 7.91
C LEU A 94 12.55 3.72 8.55
N MET A 95 12.89 3.32 9.79
CA MET A 95 12.05 2.35 10.53
C MET A 95 10.73 3.04 10.82
N GLN A 96 10.83 4.26 11.28
CA GLN A 96 9.64 5.01 11.66
C GLN A 96 8.72 5.33 10.49
N ASN A 97 9.30 5.49 9.34
CA ASN A 97 8.53 6.08 8.28
C ASN A 97 8.18 5.12 7.14
N THR A 98 8.93 4.03 7.03
CA THR A 98 8.75 3.17 5.83
C THR A 98 8.47 1.68 6.19
N PHE A 99 8.84 1.26 7.37
CA PHE A 99 8.79 -0.20 7.67
C PHE A 99 7.33 -0.69 7.56
N SER A 100 6.40 0.04 8.16
CA SER A 100 4.97 -0.38 8.12
C SER A 100 4.46 -0.51 6.66
N ASP A 101 4.92 0.40 5.79
CA ASP A 101 4.45 0.44 4.41
C ASP A 101 4.99 -0.74 3.64
N VAL A 102 6.21 -1.19 3.95
CA VAL A 102 6.77 -2.34 3.21
C VAL A 102 6.01 -3.60 3.64
N LEU A 103 5.61 -3.65 4.90
CA LEU A 103 4.75 -4.81 5.36
C LEU A 103 3.41 -4.82 4.65
N HIS A 104 2.81 -3.62 4.53
CA HIS A 104 1.52 -3.56 3.80
C HIS A 104 1.73 -3.94 2.30
N TYR A 105 2.87 -3.53 1.74
CA TYR A 105 3.25 -4.00 0.39
C TYR A 105 3.18 -5.55 0.24
N PHE A 106 3.88 -6.24 1.13
CA PHE A 106 3.78 -7.70 1.16
C PHE A 106 2.37 -8.21 1.28
N LYS A 107 1.61 -7.62 2.20
CA LYS A 107 0.28 -8.14 2.40
C LYS A 107 -0.54 -7.89 1.08
N SER A 108 -0.30 -6.76 0.47
CA SER A 108 -1.00 -6.42 -0.81
C SER A 108 -0.61 -7.36 -1.97
N GLN A 109 0.48 -8.10 -1.84
CA GLN A 109 0.99 -8.94 -2.93
C GLN A 109 0.80 -10.42 -2.68
N ARG A 110 0.09 -10.74 -1.62
CA ARG A 110 -0.27 -12.15 -1.36
C ARG A 110 -1.07 -12.74 -2.52
N CYS A 111 -0.69 -13.93 -2.92
CA CYS A 111 -1.47 -14.72 -3.93
C CYS A 111 -2.93 -14.95 -3.41
N SER A 112 -3.95 -14.60 -4.20
CA SER A 112 -5.30 -14.58 -3.69
C SER A 112 -6.25 -14.82 -4.89
N GLY A 113 -7.57 -14.78 -4.59
CA GLY A 113 -8.58 -14.79 -5.65
C GLY A 113 -8.45 -16.04 -6.55
N ILE A 114 -8.54 -15.78 -7.85
CA ILE A 114 -8.52 -16.86 -8.90
C ILE A 114 -7.17 -17.60 -8.91
N TYR A 115 -6.12 -16.87 -8.56
CA TYR A 115 -4.77 -17.52 -8.51
C TYR A 115 -4.58 -18.47 -7.38
N GLU A 116 -5.07 -18.08 -6.21
CA GLU A 116 -5.07 -18.94 -5.07
C GLU A 116 -5.96 -20.20 -5.39
N CYS A 117 -7.13 -19.95 -5.98
CA CYS A 117 -8.04 -21.03 -6.37
C CYS A 117 -7.26 -22.02 -7.31
N ALA A 118 -6.52 -21.45 -8.25
CA ALA A 118 -5.83 -22.30 -9.29
C ALA A 118 -4.70 -23.05 -8.61
N ASP A 119 -4.05 -22.42 -7.61
CA ASP A 119 -2.89 -23.05 -7.04
C ASP A 119 -3.21 -24.14 -6.09
N LYS A 120 -4.49 -24.32 -5.73
CA LYS A 120 -4.82 -25.49 -4.92
C LYS A 120 -4.81 -26.80 -5.74
N LYS A 121 -4.71 -26.70 -7.07
CA LYS A 121 -4.72 -27.87 -7.92
C LYS A 121 -3.88 -27.63 -9.16
N VAL A 122 -2.62 -27.22 -8.96
CA VAL A 122 -1.82 -26.89 -10.17
C VAL A 122 -1.16 -28.14 -10.74
N PRO A 123 -1.13 -28.27 -12.10
CA PRO A 123 -0.43 -29.41 -12.70
C PRO A 123 1.10 -29.39 -12.39
N LEU A 124 1.72 -30.57 -12.23
CA LEU A 124 3.16 -30.73 -12.22
C LEU A 124 3.64 -31.05 -13.65
N PHE A 125 4.60 -30.26 -14.14
CA PHE A 125 4.98 -30.30 -15.56
C PHE A 125 5.40 -31.70 -15.99
N GLY A 126 4.90 -32.06 -17.17
CA GLY A 126 5.17 -33.39 -17.75
C GLY A 126 4.43 -34.57 -17.07
N THR A 127 3.54 -34.31 -16.11
CA THR A 127 2.80 -35.41 -15.45
C THR A 127 1.31 -35.08 -15.50
N ASN A 128 0.47 -36.04 -15.13
CA ASN A 128 -0.95 -35.78 -14.98
C ASN A 128 -1.29 -35.67 -13.47
N GLU A 129 -0.32 -35.34 -12.61
CA GLU A 129 -0.65 -35.17 -11.16
C GLU A 129 -0.89 -33.70 -10.90
N THR A 130 -1.60 -33.37 -9.83
CA THR A 130 -1.72 -31.95 -9.50
C THR A 130 -1.37 -31.79 -8.03
N VAL A 131 -0.96 -30.58 -7.64
CA VAL A 131 -0.51 -30.36 -6.25
C VAL A 131 -1.15 -29.05 -5.64
N ASP A 132 -1.25 -29.01 -4.31
CA ASP A 132 -1.81 -27.86 -3.63
C ASP A 132 -0.60 -27.00 -3.20
N VAL A 133 -0.34 -25.93 -3.94
CA VAL A 133 0.81 -25.04 -3.56
C VAL A 133 0.29 -23.59 -3.40
N HIS A 134 -0.88 -23.43 -2.75
CA HIS A 134 -1.49 -22.09 -2.66
C HIS A 134 -0.64 -21.36 -1.61
N GLY A 135 -0.79 -20.03 -1.65
CA GLY A 135 -0.09 -19.21 -0.62
C GLY A 135 1.04 -18.39 -1.24
N GLY A 136 1.92 -17.84 -0.38
CA GLY A 136 3.00 -16.99 -0.88
C GLY A 136 2.56 -15.72 -1.55
N TRP A 137 3.52 -15.15 -2.31
CA TRP A 137 3.34 -13.85 -2.93
C TRP A 137 3.56 -13.90 -4.40
N TYR A 138 2.80 -13.08 -5.10
CA TYR A 138 3.19 -12.77 -6.46
C TYR A 138 4.64 -12.23 -6.55
N ASP A 139 5.38 -12.67 -7.56
CA ASP A 139 6.75 -12.33 -7.63
C ASP A 139 7.01 -10.90 -7.98
N ALA A 140 6.12 -10.25 -8.79
CA ALA A 140 6.52 -8.98 -9.36
C ALA A 140 5.29 -8.20 -9.71
N SER A 141 5.44 -6.90 -9.96
CA SER A 141 4.29 -6.08 -10.29
C SER A 141 3.71 -6.51 -11.67
N GLY A 142 4.52 -7.19 -12.49
CA GLY A 142 4.02 -7.74 -13.72
C GLY A 142 4.00 -9.26 -13.79
N ASP A 143 3.98 -9.96 -12.64
CA ASP A 143 4.11 -11.43 -12.68
C ASP A 143 3.41 -12.07 -11.47
N VAL A 144 2.37 -12.85 -11.71
CA VAL A 144 1.65 -13.49 -10.61
C VAL A 144 2.19 -14.90 -10.38
N SER A 145 3.27 -15.23 -11.09
CA SER A 145 3.95 -16.47 -10.74
C SER A 145 4.63 -16.41 -9.40
N LYS A 146 5.08 -17.58 -8.86
CA LYS A 146 5.66 -17.63 -7.52
C LYS A 146 6.91 -18.47 -7.60
N TYR A 147 7.99 -18.03 -6.92
CA TYR A 147 9.30 -18.63 -7.20
C TYR A 147 10.04 -18.89 -5.97
N PHE A 148 10.68 -20.07 -5.92
CA PHE A 148 11.89 -20.28 -5.06
C PHE A 148 13.07 -19.57 -5.68
N SER A 149 13.30 -19.80 -6.99
CA SER A 149 14.34 -19.13 -7.76
C SER A 149 14.01 -19.35 -9.25
N HIS A 150 14.80 -18.77 -10.14
CA HIS A 150 14.78 -19.10 -11.57
C HIS A 150 16.19 -18.79 -12.15
N LEU A 151 16.37 -18.84 -13.48
CA LEU A 151 17.72 -18.67 -14.10
C LEU A 151 18.66 -19.79 -13.77
N SER A 152 18.10 -20.92 -13.35
CA SER A 152 18.90 -22.08 -12.96
C SER A 152 19.85 -22.60 -14.09
N TYR A 153 19.43 -22.46 -15.32
CA TYR A 153 20.21 -22.90 -16.48
C TYR A 153 21.49 -22.08 -16.70
N GLY A 154 21.60 -20.93 -16.03
CA GLY A 154 22.79 -20.06 -16.14
C GLY A 154 23.78 -20.49 -15.04
N ASN A 155 23.32 -21.31 -14.06
CA ASN A 155 24.12 -21.81 -12.93
C ASN A 155 24.65 -20.81 -11.86
N TYR A 156 25.20 -19.67 -12.33
CA TYR A 156 25.79 -18.71 -11.37
C TYR A 156 24.88 -17.50 -11.01
N LEU A 157 23.60 -17.54 -11.42
CA LEU A 157 22.74 -16.39 -11.35
C LEU A 157 21.50 -16.54 -10.52
N ASN A 158 21.26 -17.72 -9.97
CA ASN A 158 20.05 -18.06 -9.22
C ASN A 158 19.85 -17.04 -8.08
N PRO A 159 18.74 -16.29 -8.12
CA PRO A 159 18.36 -15.48 -6.97
C PRO A 159 17.52 -16.23 -5.99
N GLN A 160 17.68 -15.95 -4.69
CA GLN A 160 16.82 -16.55 -3.64
C GLN A 160 15.58 -15.66 -3.57
N GLN A 161 14.41 -16.24 -3.86
CA GLN A 161 13.26 -15.35 -4.07
C GLN A 161 12.28 -15.49 -2.86
N THR A 162 11.15 -16.23 -2.98
CA THR A 162 10.26 -16.39 -1.81
C THR A 162 10.95 -16.80 -0.48
N PRO A 163 11.84 -17.85 -0.50
CA PRO A 163 12.43 -18.24 0.76
C PRO A 163 13.22 -17.09 1.39
N MET A 164 13.86 -16.29 0.55
CA MET A 164 14.63 -15.13 1.09
C MET A 164 13.71 -14.19 1.79
N VAL A 165 12.50 -13.95 1.21
CA VAL A 165 11.53 -13.03 1.87
C VAL A 165 11.26 -13.52 3.28
N VAL A 166 11.12 -14.83 3.43
CA VAL A 166 10.70 -15.39 4.72
C VAL A 166 11.90 -15.35 5.70
N TRP A 167 13.06 -15.78 5.24
CA TRP A 167 14.23 -15.75 6.14
C TRP A 167 14.45 -14.23 6.56
N ASN A 168 14.33 -13.30 5.63
CA ASN A 168 14.64 -11.89 5.96
C ASN A 168 13.66 -11.40 7.00
N MET A 169 12.38 -11.77 6.85
CA MET A 169 11.34 -11.30 7.79
C MET A 169 11.56 -11.91 9.17
N LEU A 170 11.83 -13.21 9.20
CA LEU A 170 12.10 -13.83 10.50
C LEU A 170 13.37 -13.28 11.19
N THR A 171 14.39 -13.04 10.39
CA THR A 171 15.62 -12.39 10.89
C THR A 171 15.36 -11.02 11.44
N ALA A 172 14.59 -10.21 10.70
CA ALA A 172 14.19 -8.90 11.22
C ALA A 172 13.35 -8.99 12.53
N TYR A 173 12.45 -9.98 12.60
CA TYR A 173 11.63 -10.17 13.78
C TYR A 173 12.55 -10.40 14.97
N GLU A 174 13.55 -11.31 14.85
CA GLU A 174 14.48 -11.52 15.97
C GLU A 174 15.31 -10.29 16.41
N VAL A 175 15.84 -9.58 15.44
CA VAL A 175 16.55 -8.32 15.74
C VAL A 175 15.69 -7.33 16.46
N LEU A 176 14.39 -7.23 16.10
CA LEU A 176 13.55 -6.29 16.80
C LEU A 176 13.02 -6.73 18.16
N GLU A 177 13.20 -7.98 18.52
CA GLU A 177 12.70 -8.52 19.80
C GLU A 177 13.11 -7.63 21.02
N ASP A 178 14.37 -7.18 21.12
CA ASP A 178 14.71 -6.35 22.29
C ASP A 178 14.54 -4.82 22.09
N GLU A 179 13.91 -4.43 20.97
CA GLU A 179 13.59 -3.02 20.74
C GLU A 179 12.34 -2.57 21.45
N GLU A 180 12.54 -1.75 22.48
CA GLU A 180 11.47 -1.34 23.33
C GLU A 180 10.51 -0.44 22.58
N SER A 181 10.97 0.32 21.59
CA SER A 181 10.08 1.25 20.90
C SER A 181 9.24 0.57 19.78
N ILE A 182 9.53 -0.70 19.45
CA ILE A 182 8.69 -1.42 18.44
C ILE A 182 7.43 -1.94 19.16
N ALA A 183 6.24 -1.70 18.63
CA ALA A 183 5.00 -2.07 19.28
C ALA A 183 4.72 -3.55 19.05
N ASP A 184 4.07 -4.18 20.02
CA ASP A 184 3.59 -5.56 19.77
C ASP A 184 2.65 -5.74 18.56
N PHE A 185 1.80 -4.75 18.29
CA PHE A 185 0.97 -4.90 17.06
C PHE A 185 1.84 -5.04 15.78
N THR A 186 2.97 -4.30 15.72
CA THR A 186 3.90 -4.46 14.59
C THR A 186 4.47 -5.89 14.55
N ARG A 187 4.78 -6.48 15.73
CA ARG A 187 5.30 -7.85 15.80
C ARG A 187 4.22 -8.82 15.30
N VAL A 188 2.94 -8.55 15.64
CA VAL A 188 1.82 -9.38 15.15
C VAL A 188 1.84 -9.35 13.61
N ARG A 189 2.04 -8.15 13.06
CA ARG A 189 1.99 -8.01 11.61
C ARG A 189 3.18 -8.66 10.89
N LEU A 190 4.36 -8.50 11.46
CA LEU A 190 5.57 -9.03 10.85
C LEU A 190 5.61 -10.54 10.97
N VAL A 191 5.30 -11.07 12.15
CA VAL A 191 5.38 -12.53 12.25
C VAL A 191 4.23 -13.15 11.43
N GLU A 192 3.09 -12.46 11.29
CA GLU A 192 2.07 -13.02 10.41
C GLU A 192 2.55 -13.21 8.99
N GLU A 193 3.22 -12.18 8.46
CA GLU A 193 3.74 -12.22 7.08
C GLU A 193 4.78 -13.27 6.95
N ALA A 194 5.69 -13.36 7.95
CA ALA A 194 6.74 -14.39 7.91
C ALA A 194 6.14 -15.80 7.91
N LEU A 195 5.27 -16.09 8.83
CA LEU A 195 4.68 -17.48 8.95
C LEU A 195 3.71 -17.82 7.82
N TYR A 196 3.05 -16.78 7.26
CA TYR A 196 2.28 -16.96 6.00
C TYR A 196 3.23 -17.49 4.91
N GLY A 197 4.39 -16.83 4.79
CA GLY A 197 5.43 -17.31 3.84
C GLY A 197 5.93 -18.72 4.22
N ALA A 198 6.20 -18.95 5.48
CA ALA A 198 6.71 -20.29 5.92
C ALA A 198 5.68 -21.39 5.57
N ASP A 199 4.40 -21.08 5.71
CA ASP A 199 3.35 -22.05 5.33
C ASP A 199 3.37 -22.43 3.85
N PHE A 200 3.65 -21.44 3.00
CA PHE A 200 3.91 -21.70 1.58
C PHE A 200 5.12 -22.55 1.36
N LEU A 201 6.24 -22.21 2.04
CA LEU A 201 7.43 -23.09 1.91
C LEU A 201 7.10 -24.57 2.19
N LEU A 202 6.36 -24.87 3.30
CA LEU A 202 5.83 -26.21 3.60
C LEU A 202 5.08 -26.86 2.46
N ARG A 203 4.14 -26.15 1.82
CA ARG A 203 3.34 -26.73 0.78
C ARG A 203 4.22 -27.01 -0.44
N MET A 204 5.34 -26.26 -0.59
CA MET A 204 6.22 -26.42 -1.79
C MET A 204 7.15 -27.61 -1.60
N GLN A 205 7.02 -28.32 -0.50
CA GLN A 205 7.88 -29.46 -0.25
C GLN A 205 7.15 -30.76 -0.68
N HIS A 206 7.78 -31.51 -1.60
CA HIS A 206 7.34 -32.87 -1.96
C HIS A 206 7.57 -33.86 -0.82
N PRO A 207 6.72 -34.92 -0.73
CA PRO A 207 6.95 -35.86 0.35
C PRO A 207 8.35 -36.47 0.39
N GLN A 208 9.06 -36.60 -0.76
CA GLN A 208 10.42 -37.15 -0.68
C GLN A 208 11.38 -36.20 0.02
N GLY A 209 11.05 -34.92 0.04
CA GLY A 209 11.83 -33.97 0.80
C GLY A 209 12.36 -32.77 0.03
N TYR A 210 12.34 -32.82 -1.29
CA TYR A 210 12.84 -31.71 -2.09
C TYR A 210 11.66 -30.70 -2.22
N PHE A 211 11.98 -29.46 -2.65
CA PHE A 211 11.01 -28.40 -2.89
C PHE A 211 10.83 -28.12 -4.37
N TYR A 212 9.62 -27.75 -4.79
CA TYR A 212 9.39 -27.27 -6.10
C TYR A 212 10.03 -25.88 -6.34
N MET A 213 10.56 -25.65 -7.54
CA MET A 213 11.23 -24.40 -7.80
C MET A 213 10.30 -23.23 -8.11
N THR A 214 9.17 -23.49 -8.77
CA THR A 214 8.36 -22.42 -9.36
C THR A 214 6.92 -22.88 -9.51
N VAL A 215 5.98 -21.96 -9.40
CA VAL A 215 4.63 -22.05 -9.97
C VAL A 215 4.60 -20.98 -11.04
N PHE A 216 4.66 -21.40 -12.33
CA PHE A 216 4.96 -20.46 -13.38
C PHE A 216 3.91 -20.47 -14.42
N ASP A 217 3.46 -19.27 -14.79
CA ASP A 217 2.46 -19.15 -15.88
C ASP A 217 2.95 -18.67 -17.23
N LYS A 218 4.26 -18.70 -17.53
CA LYS A 218 4.80 -18.04 -18.73
C LYS A 218 4.42 -16.56 -18.86
N TRP A 219 4.27 -15.85 -17.72
CA TRP A 219 3.95 -14.42 -17.70
C TRP A 219 2.57 -14.12 -18.29
N SER A 220 1.69 -15.13 -18.41
CA SER A 220 0.44 -14.91 -19.15
C SER A 220 -0.69 -14.35 -18.26
N LYS A 221 -0.62 -14.50 -16.92
CA LYS A 221 -1.73 -14.10 -15.99
C LYS A 221 -2.95 -15.03 -16.13
N SER A 222 -2.80 -16.07 -16.93
CA SER A 222 -3.86 -17.07 -17.12
C SER A 222 -3.84 -18.06 -15.97
N THR A 223 -5.00 -18.42 -15.43
CA THR A 223 -5.02 -19.50 -14.41
C THR A 223 -4.61 -20.88 -14.94
N GLU A 224 -5.11 -21.24 -16.12
CA GLU A 224 -4.88 -22.60 -16.74
C GLU A 224 -3.45 -22.83 -17.07
N GLN A 225 -2.72 -21.73 -17.31
CA GLN A 225 -1.30 -21.86 -17.58
C GLN A 225 -0.35 -22.06 -16.40
N ARG A 226 -0.82 -21.94 -15.15
CA ARG A 226 0.05 -22.14 -14.03
C ARG A 226 0.43 -23.59 -13.87
N GLU A 227 1.70 -23.85 -13.54
CA GLU A 227 2.21 -25.20 -13.53
C GLU A 227 3.46 -25.17 -12.72
N VAL A 228 3.70 -26.22 -11.97
CA VAL A 228 4.94 -26.38 -11.24
C VAL A 228 5.98 -26.89 -12.27
N CYS A 229 7.11 -26.21 -12.35
CA CYS A 229 8.12 -26.46 -13.44
C CYS A 229 9.38 -25.69 -13.11
N ALA A 230 10.43 -25.88 -13.94
CA ALA A 230 11.44 -24.84 -14.07
C ALA A 230 11.27 -24.30 -15.45
N PHE A 231 12.05 -23.27 -15.82
CA PHE A 231 11.98 -22.77 -17.19
C PHE A 231 13.28 -22.10 -17.54
N SER A 232 13.44 -21.86 -18.82
CA SER A 232 14.68 -21.27 -19.36
C SER A 232 14.39 -20.23 -20.42
N THR A 233 15.30 -19.22 -20.51
CA THR A 233 15.29 -18.22 -21.57
C THR A 233 14.22 -17.25 -21.35
N GLN A 234 14.28 -16.14 -22.11
CA GLN A 234 13.28 -15.10 -22.03
C GLN A 234 11.95 -15.62 -22.57
N ASP A 235 11.93 -16.73 -23.30
CA ASP A 235 10.62 -17.23 -23.78
C ASP A 235 9.98 -18.15 -22.80
N GLY A 236 10.67 -18.52 -21.72
CA GLY A 236 9.94 -19.20 -20.64
C GLY A 236 9.62 -20.64 -21.00
N HIS A 237 10.53 -21.29 -21.71
CA HIS A 237 10.40 -22.70 -22.04
C HIS A 237 10.38 -23.55 -20.78
N LYS A 238 9.26 -24.21 -20.57
CA LYS A 238 9.14 -25.01 -19.37
C LYS A 238 9.88 -26.35 -19.34
N SER A 239 10.36 -26.78 -18.20
CA SER A 239 10.95 -28.13 -18.10
C SER A 239 10.57 -28.79 -16.82
N ALA A 240 10.85 -30.10 -16.73
CA ALA A 240 10.50 -30.95 -15.56
C ALA A 240 11.60 -30.93 -14.51
N ASP A 241 12.59 -30.04 -14.71
CA ASP A 241 13.69 -29.86 -13.77
C ASP A 241 13.32 -28.99 -12.53
N TYR A 242 12.21 -29.32 -11.88
CA TYR A 242 11.65 -28.48 -10.79
C TYR A 242 12.11 -28.79 -9.38
N GLN A 243 12.97 -29.79 -9.20
CA GLN A 243 13.51 -30.10 -7.87
C GLN A 243 14.53 -29.02 -7.56
N ALA A 244 14.36 -28.33 -6.43
CA ALA A 244 15.17 -27.11 -6.19
C ALA A 244 16.46 -27.59 -5.43
N GLY A 245 17.65 -27.31 -6.00
CA GLY A 245 18.90 -27.63 -5.31
C GLY A 245 19.18 -26.50 -4.27
N PHE A 246 20.24 -26.65 -3.45
CA PHE A 246 20.58 -25.63 -2.46
C PHE A 246 20.61 -24.21 -2.99
N ARG A 247 21.19 -23.95 -4.15
CA ARG A 247 21.35 -22.60 -4.72
C ARG A 247 20.03 -22.18 -5.40
N GLN A 248 19.09 -23.13 -5.47
CA GLN A 248 17.86 -22.79 -6.29
C GLN A 248 16.67 -22.47 -5.31
N GLY A 249 17.00 -21.73 -4.23
CA GLY A 249 15.99 -21.37 -3.22
C GLY A 249 15.86 -22.34 -2.05
N ALA A 250 16.22 -23.61 -2.24
CA ALA A 250 15.94 -24.62 -1.21
C ALA A 250 16.81 -24.43 0.05
N GLY A 251 18.05 -24.03 -0.07
CA GLY A 251 18.82 -23.88 1.18
C GLY A 251 18.29 -22.75 2.10
N VAL A 252 17.96 -21.62 1.49
CA VAL A 252 17.27 -20.53 2.22
C VAL A 252 15.92 -20.94 2.77
N ALA A 253 15.17 -21.78 2.04
CA ALA A 253 13.86 -22.26 2.52
C ALA A 253 14.05 -23.03 3.78
N ILE A 254 15.06 -23.91 3.78
CA ILE A 254 15.34 -24.69 4.93
C ILE A 254 15.80 -23.82 6.10
N ALA A 255 16.73 -22.90 5.85
CA ALA A 255 17.06 -21.95 6.89
C ALA A 255 15.82 -21.23 7.43
N ALA A 256 14.90 -20.80 6.50
CA ALA A 256 13.74 -20.07 6.98
C ALA A 256 12.84 -20.91 7.89
N LEU A 257 12.57 -22.18 7.50
CA LEU A 257 11.76 -23.11 8.29
C LEU A 257 12.36 -23.41 9.62
N ALA A 258 13.68 -23.59 9.62
CA ALA A 258 14.37 -23.85 10.88
C ALA A 258 14.30 -22.63 11.81
N ALA A 259 14.46 -21.41 11.27
CA ALA A 259 14.29 -20.18 12.11
C ALA A 259 12.84 -20.04 12.62
N ALA A 260 11.82 -20.28 11.76
CA ALA A 260 10.42 -20.24 12.17
C ALA A 260 10.14 -21.16 13.35
N SER A 261 10.72 -22.35 13.31
CA SER A 261 10.57 -23.32 14.42
C SER A 261 11.01 -22.83 15.81
N ARG A 262 11.81 -21.77 15.86
CA ARG A 262 12.34 -21.24 17.11
C ARG A 262 11.60 -20.06 17.72
N LEU A 263 10.49 -19.62 17.10
CA LEU A 263 9.89 -18.37 17.53
C LEU A 263 9.44 -18.43 19.02
N SER A 264 9.06 -19.62 19.45
CA SER A 264 8.80 -19.92 20.88
C SER A 264 9.85 -19.44 21.85
N ASN A 265 11.09 -19.36 21.41
CA ASN A 265 12.16 -18.88 22.27
C ASN A 265 12.11 -17.43 22.58
N LEU A 266 11.24 -16.69 21.87
CA LEU A 266 11.25 -15.25 21.97
C LEU A 266 10.08 -14.80 22.87
N ALA A 267 10.32 -13.89 23.81
CA ALA A 267 9.24 -13.49 24.75
C ALA A 267 7.99 -12.94 24.03
N SER A 268 8.20 -12.17 22.96
CA SER A 268 6.96 -11.65 22.28
C SER A 268 5.99 -12.76 21.84
N THR A 269 6.50 -13.91 21.53
CA THR A 269 5.66 -14.99 20.93
C THR A 269 4.50 -15.41 21.85
N SER A 270 4.78 -15.51 23.15
CA SER A 270 3.76 -15.77 24.20
C SER A 270 2.92 -14.62 24.51
N ARG A 271 3.46 -13.41 24.32
CA ARG A 271 2.86 -12.19 24.85
C ARG A 271 1.73 -11.72 23.93
N ILE A 272 1.90 -11.87 22.59
CA ILE A 272 0.97 -11.29 21.61
C ILE A 272 -0.31 -12.17 21.59
N PRO A 273 -1.44 -11.66 21.02
CA PRO A 273 -2.68 -12.43 20.92
C PRO A 273 -2.44 -13.77 20.21
N GLN A 274 -3.18 -14.83 20.62
CA GLN A 274 -3.00 -16.23 20.10
C GLN A 274 -4.25 -16.69 19.35
N CYS A 275 -4.09 -17.55 18.34
CA CYS A 275 -5.24 -18.34 17.96
C CYS A 275 -4.66 -19.71 17.64
N GLY A 276 -4.88 -20.67 18.54
CA GLY A 276 -4.16 -21.96 18.51
C GLY A 276 -2.66 -21.72 18.74
N ASP A 277 -1.83 -22.66 18.30
CA ASP A 277 -0.37 -22.53 18.46
C ASP A 277 0.30 -22.49 17.07
N ILE A 278 1.42 -21.75 16.97
CA ILE A 278 2.37 -21.83 15.85
C ILE A 278 2.77 -23.30 15.64
N LYS A 279 2.94 -23.68 14.37
CA LYS A 279 3.32 -25.02 13.90
C LYS A 279 4.86 -25.39 14.04
N ALA A 280 5.49 -25.15 15.19
CA ALA A 280 6.96 -25.24 15.39
C ALA A 280 7.62 -26.59 14.97
N ASP A 281 7.12 -27.71 15.48
CA ASP A 281 7.65 -29.07 15.12
C ASP A 281 7.50 -29.33 13.67
N THR A 282 6.41 -28.82 13.08
CA THR A 282 6.17 -29.03 11.67
C THR A 282 7.24 -28.34 10.80
N TYR A 283 7.54 -27.10 11.14
CA TYR A 283 8.54 -26.37 10.38
C TYR A 283 9.91 -27.06 10.59
N LEU A 284 10.20 -27.44 11.80
CA LEU A 284 11.57 -27.99 12.09
C LEU A 284 11.80 -29.30 11.35
N GLU A 285 10.81 -30.20 11.46
CA GLU A 285 10.83 -31.47 10.74
C GLU A 285 10.97 -31.34 9.23
N ALA A 286 10.21 -30.43 8.58
CA ALA A 286 10.36 -30.10 7.17
C ALA A 286 11.80 -29.67 6.82
N ALA A 287 12.41 -28.84 7.68
CA ALA A 287 13.70 -28.23 7.34
C ALA A 287 14.74 -29.37 7.44
N LYS A 288 14.65 -30.20 8.49
CA LYS A 288 15.60 -31.33 8.61
C LYS A 288 15.49 -32.23 7.38
N LYS A 289 14.26 -32.61 7.01
CA LYS A 289 14.02 -33.57 5.93
C LYS A 289 14.57 -33.00 4.63
N GLY A 290 14.34 -31.70 4.43
CA GLY A 290 14.87 -31.08 3.26
C GLY A 290 16.40 -31.09 3.20
N TYR A 291 16.99 -30.80 4.34
CA TYR A 291 18.41 -30.66 4.46
C TYR A 291 19.04 -32.00 4.15
N TRP A 292 18.60 -33.01 4.85
CA TRP A 292 19.26 -34.35 4.61
C TRP A 292 19.01 -34.92 3.17
N HIS A 293 17.88 -34.56 2.56
CA HIS A 293 17.60 -35.02 1.25
C HIS A 293 18.53 -34.36 0.25
N LEU A 294 18.73 -33.04 0.41
CA LEU A 294 19.75 -32.38 -0.43
C LEU A 294 21.19 -32.84 -0.18
N LYS A 295 21.56 -33.19 1.05
CA LYS A 295 22.90 -33.78 1.28
C LYS A 295 23.17 -35.00 0.38
N GLU A 296 22.15 -35.83 0.16
CA GLU A 296 22.17 -36.95 -0.76
C GLU A 296 21.96 -36.52 -2.23
N MET A 297 21.02 -35.64 -2.51
CA MET A 297 20.57 -35.42 -3.88
C MET A 297 21.04 -34.15 -4.61
N ASN A 298 21.66 -33.19 -3.90
CA ASN A 298 21.78 -31.84 -4.45
C ASN A 298 22.34 -31.82 -5.86
N HIS A 299 23.41 -32.62 -6.05
CA HIS A 299 24.08 -32.65 -7.39
C HIS A 299 23.12 -32.92 -8.49
N GLN A 300 22.14 -33.78 -8.28
CA GLN A 300 21.30 -34.16 -9.44
C GLN A 300 20.31 -33.08 -9.88
N TYR A 301 20.10 -32.07 -9.01
CA TYR A 301 19.11 -31.00 -9.23
C TYR A 301 19.79 -29.77 -9.88
N LEU A 302 21.13 -29.76 -9.89
CA LEU A 302 21.91 -28.62 -10.45
C LEU A 302 22.13 -28.75 -11.97
N ASP A 303 21.91 -27.67 -12.74
CA ASP A 303 21.97 -27.72 -14.17
C ASP A 303 23.28 -28.29 -14.73
N ASN A 304 24.37 -28.08 -14.05
CA ASN A 304 25.68 -28.50 -14.55
C ASN A 304 26.28 -29.49 -13.57
N GLY A 305 25.42 -30.02 -12.70
CA GLY A 305 25.79 -30.99 -11.71
C GLY A 305 26.89 -30.59 -10.75
N LYS A 306 27.20 -29.31 -10.67
CA LYS A 306 28.32 -28.89 -9.80
C LYS A 306 27.93 -27.72 -8.84
N GLU A 307 28.23 -27.92 -7.54
CA GLU A 307 27.91 -26.89 -6.52
C GLU A 307 28.79 -25.68 -6.75
N ASN A 308 28.28 -24.48 -6.48
CA ASN A 308 29.15 -23.31 -6.57
C ASN A 308 28.95 -22.47 -5.28
N ILE A 309 29.52 -21.27 -5.26
CA ILE A 309 29.42 -20.41 -4.08
C ILE A 309 27.93 -20.23 -3.58
N ILE A 310 26.98 -20.14 -4.51
CA ILE A 310 25.58 -19.86 -4.15
C ILE A 310 25.05 -21.12 -3.37
N ASP A 311 25.40 -22.36 -3.79
CA ASP A 311 24.97 -23.51 -2.91
C ASP A 311 25.54 -23.39 -1.49
N GLU A 312 26.78 -22.90 -1.43
CA GLU A 312 27.50 -23.00 -0.18
C GLU A 312 27.03 -21.91 0.82
N TYR A 313 26.80 -20.69 0.32
CA TYR A 313 26.15 -19.76 1.24
C TYR A 313 24.74 -20.09 1.67
N CYS A 314 23.92 -20.67 0.75
CA CYS A 314 22.55 -21.03 1.06
C CYS A 314 22.52 -22.21 2.02
N ALA A 315 23.42 -23.17 1.76
CA ALA A 315 23.56 -24.31 2.68
C ALA A 315 24.19 -23.96 4.03
N LEU A 316 25.13 -23.04 4.04
CA LEU A 316 25.60 -22.55 5.31
C LEU A 316 24.46 -21.90 6.17
N LEU A 317 23.56 -21.06 5.56
CA LEU A 317 22.43 -20.53 6.31
C LEU A 317 21.55 -21.67 6.83
N ALA A 318 21.26 -22.67 5.97
CA ALA A 318 20.43 -23.84 6.39
C ALA A 318 21.00 -24.50 7.60
N SER A 319 22.29 -24.88 7.49
CA SER A 319 22.91 -25.67 8.60
C SER A 319 23.08 -24.84 9.90
N VAL A 320 23.40 -23.56 9.77
CA VAL A 320 23.48 -22.64 10.91
C VAL A 320 22.14 -22.57 11.63
N GLU A 321 21.02 -22.34 10.91
CA GLU A 321 19.72 -22.23 11.53
C GLU A 321 19.30 -23.58 12.10
N LEU A 322 19.66 -24.66 11.40
CA LEU A 322 19.30 -25.94 11.96
C LEU A 322 20.08 -26.19 13.28
N TYR A 323 21.33 -25.80 13.35
CA TYR A 323 22.05 -25.91 14.62
C TYR A 323 21.43 -25.05 15.70
N ARG A 324 21.08 -23.81 15.37
CA ARG A 324 20.48 -22.89 16.36
C ARG A 324 19.19 -23.48 16.88
N SER A 325 18.38 -24.09 16.02
CA SER A 325 17.08 -24.63 16.49
C SER A 325 17.17 -25.97 17.18
N THR A 326 18.30 -26.66 17.07
CA THR A 326 18.29 -28.04 17.61
C THR A 326 19.35 -28.22 18.66
N GLN A 327 20.41 -27.42 18.56
CA GLN A 327 21.60 -27.50 19.43
C GLN A 327 22.32 -28.85 19.29
N GLU A 328 22.11 -29.52 18.17
CA GLU A 328 22.71 -30.84 17.91
C GLU A 328 24.03 -30.71 17.17
N ASN A 329 25.11 -31.33 17.72
CA ASN A 329 26.49 -31.14 17.20
C ASN A 329 26.64 -31.51 15.76
N ASN A 330 25.84 -32.47 15.37
CA ASN A 330 25.66 -32.86 13.99
C ASN A 330 25.59 -31.63 13.02
N PHE A 331 24.75 -30.64 13.37
CA PHE A 331 24.51 -29.46 12.46
C PHE A 331 25.64 -28.46 12.52
N LEU A 332 26.31 -28.39 13.66
CA LEU A 332 27.49 -27.54 13.75
C LEU A 332 28.64 -28.08 12.87
N ALA A 333 28.80 -29.41 12.80
CA ALA A 333 29.73 -30.04 11.83
C ALA A 333 29.34 -29.75 10.40
N GLU A 334 28.02 -29.81 10.14
CA GLU A 334 27.51 -29.42 8.84
C GLU A 334 27.87 -27.98 8.50
N ALA A 335 27.60 -27.07 9.43
CA ALA A 335 27.87 -25.66 9.25
C ALA A 335 29.36 -25.40 9.02
N ARG A 336 30.20 -26.08 9.84
CA ARG A 336 31.64 -25.93 9.73
C ARG A 336 32.09 -26.31 8.35
N MET A 337 31.60 -27.44 7.85
CA MET A 337 31.92 -27.91 6.49
C MET A 337 31.55 -26.90 5.39
N TRP A 338 30.35 -26.31 5.49
CA TRP A 338 29.89 -25.35 4.49
C TRP A 338 30.64 -24.04 4.61
N ALA A 339 30.93 -23.60 5.86
CA ALA A 339 31.73 -22.39 6.06
C ALA A 339 33.09 -22.53 5.40
N ASP A 340 33.71 -23.71 5.57
CA ASP A 340 35.05 -23.99 5.01
C ASP A 340 35.02 -23.95 3.51
N LYS A 341 33.97 -24.52 2.92
CA LYS A 341 33.84 -24.42 1.45
C LYS A 341 33.62 -22.99 1.00
N LEU A 342 32.73 -22.25 1.70
CA LEU A 342 32.46 -20.83 1.28
C LEU A 342 33.74 -19.97 1.45
N MET A 343 34.46 -20.22 2.55
CA MET A 343 35.70 -19.42 2.81
C MET A 343 36.74 -19.64 1.67
N ALA A 344 36.83 -20.88 1.19
CA ALA A 344 37.72 -21.24 0.08
C ALA A 344 37.34 -20.56 -1.22
N ARG A 345 36.15 -19.90 -1.31
CA ARG A 345 35.83 -19.08 -2.47
C ARG A 345 36.52 -17.70 -2.48
N GLN A 346 37.08 -17.29 -1.37
CA GLN A 346 37.78 -16.01 -1.40
C GLN A 346 39.15 -16.24 -2.03
N MET A 347 39.46 -15.49 -3.06
CA MET A 347 40.66 -15.71 -3.86
C MET A 347 41.26 -14.38 -4.23
N SER A 348 42.51 -14.45 -4.72
CA SER A 348 43.19 -13.23 -5.23
C SER A 348 43.70 -13.39 -6.67
N ASP A 349 43.78 -12.30 -7.41
CA ASP A 349 44.33 -12.34 -8.77
C ASP A 349 45.02 -10.98 -9.06
N HIS A 350 45.44 -10.73 -10.30
CA HIS A 350 46.17 -9.52 -10.65
C HIS A 350 45.36 -8.24 -10.54
N ASN A 351 44.04 -8.33 -10.44
CA ASN A 351 43.21 -7.13 -10.27
C ASN A 351 42.78 -6.88 -8.83
N PHE A 352 42.39 -7.94 -8.13
CA PHE A 352 41.85 -7.83 -6.79
C PHE A 352 42.35 -8.86 -5.82
N ALA A 353 42.66 -8.38 -4.64
CA ALA A 353 42.92 -9.23 -3.52
C ALA A 353 41.52 -9.54 -2.92
N HIS A 354 41.30 -10.83 -2.66
CA HIS A 354 40.19 -11.40 -1.84
C HIS A 354 38.85 -11.06 -2.45
N TYR A 355 38.72 -11.15 -3.78
CA TYR A 355 37.39 -11.18 -4.42
C TYR A 355 36.65 -12.47 -4.10
N TRP A 356 35.36 -12.54 -4.47
CA TRP A 356 34.65 -13.82 -4.32
C TRP A 356 34.62 -14.56 -5.66
N ALA A 357 35.09 -15.80 -5.67
CA ALA A 357 35.01 -16.68 -6.86
C ALA A 357 33.64 -17.37 -6.92
N ALA A 358 33.07 -17.54 -8.12
CA ALA A 358 31.79 -18.25 -8.27
C ALA A 358 32.16 -19.67 -8.53
N ASN A 359 33.22 -19.89 -9.34
CA ASN A 359 33.60 -21.29 -9.66
C ASN A 359 34.89 -21.73 -8.93
N ASP A 360 35.40 -22.91 -9.24
CA ASP A 360 36.48 -23.51 -8.42
C ASP A 360 37.85 -22.84 -8.56
N ASP A 361 38.14 -22.28 -9.72
CA ASP A 361 39.51 -21.81 -9.96
C ASP A 361 39.55 -20.32 -10.00
N GLY A 362 38.37 -19.75 -9.71
CA GLY A 362 38.13 -18.32 -9.77
C GLY A 362 38.31 -17.58 -11.06
N SER A 363 38.28 -18.28 -12.19
CA SER A 363 38.22 -17.60 -13.49
C SER A 363 36.85 -16.91 -13.73
N ARG A 364 35.81 -17.30 -12.94
CA ARG A 364 34.53 -16.54 -13.00
C ARG A 364 34.25 -15.94 -11.61
N PRO A 365 34.30 -14.61 -11.52
CA PRO A 365 34.06 -13.98 -10.22
C PRO A 365 32.57 -14.15 -9.84
N TYR A 366 32.27 -14.23 -8.54
CA TYR A 366 30.88 -14.03 -8.06
C TYR A 366 30.47 -12.56 -8.17
N PHE A 367 29.33 -12.34 -8.81
CA PHE A 367 28.61 -11.06 -8.73
C PHE A 367 27.10 -11.40 -8.71
N HIS A 368 26.24 -10.58 -8.15
CA HIS A 368 24.86 -11.09 -8.01
C HIS A 368 23.94 -9.91 -7.82
N ALA A 369 23.07 -9.71 -8.79
CA ALA A 369 22.13 -8.60 -8.80
C ALA A 369 20.98 -8.63 -7.74
N ALA A 370 20.77 -9.76 -7.05
CA ALA A 370 19.79 -9.88 -5.95
C ALA A 370 20.44 -9.90 -4.60
N GLU A 371 21.68 -10.41 -4.45
CA GLU A 371 22.07 -10.85 -3.11
C GLU A 371 23.59 -10.90 -2.83
N ALA A 372 24.35 -9.98 -3.39
CA ALA A 372 25.84 -9.99 -3.30
C ALA A 372 26.35 -9.87 -1.89
N GLY A 373 25.52 -9.40 -0.96
CA GLY A 373 25.93 -9.43 0.47
C GLY A 373 25.87 -10.82 1.12
N LEU A 374 25.27 -11.81 0.47
CA LEU A 374 25.04 -13.07 1.15
C LEU A 374 26.29 -13.88 1.53
N PRO A 375 27.36 -13.89 0.67
CA PRO A 375 28.50 -14.69 1.16
C PRO A 375 28.94 -14.21 2.57
N ALA A 376 29.11 -12.90 2.73
CA ALA A 376 29.48 -12.31 3.99
C ALA A 376 28.44 -12.45 5.14
N ILE A 377 27.19 -12.13 4.85
CA ILE A 377 26.11 -12.38 5.81
C ILE A 377 26.07 -13.84 6.31
N ALA A 378 26.20 -14.81 5.42
CA ALA A 378 26.26 -16.24 5.90
C ALA A 378 27.45 -16.48 6.81
N LEU A 379 28.61 -15.91 6.51
CA LEU A 379 29.79 -16.11 7.44
C LEU A 379 29.49 -15.43 8.77
N MET A 380 28.75 -14.32 8.72
CA MET A 380 28.45 -13.68 10.00
C MET A 380 27.45 -14.47 10.82
N GLN A 381 26.49 -15.11 10.16
CA GLN A 381 25.48 -15.97 10.92
C GLN A 381 26.24 -17.18 11.55
N TYR A 382 27.17 -17.69 10.78
CA TYR A 382 28.05 -18.80 11.23
C TYR A 382 28.89 -18.36 12.44
N LEU A 383 29.54 -17.21 12.37
CA LEU A 383 30.26 -16.67 13.53
C LEU A 383 29.41 -16.50 14.81
N GLN A 384 28.09 -16.40 14.65
CA GLN A 384 27.28 -16.31 15.89
C GLN A 384 27.18 -17.64 16.58
N ILE A 385 27.47 -18.73 15.85
CA ILE A 385 27.42 -20.08 16.46
C ILE A 385 28.78 -20.76 16.78
N GLU A 386 29.87 -20.25 16.21
CA GLU A 386 31.19 -20.93 16.29
C GLU A 386 31.86 -20.61 17.61
N THR A 387 31.88 -21.57 18.54
CA THR A 387 32.53 -21.41 19.86
C THR A 387 34.03 -21.76 19.89
N HIS A 388 34.51 -22.47 18.87
CA HIS A 388 35.93 -22.82 18.74
C HIS A 388 36.80 -21.58 18.36
N ALA A 389 37.64 -21.10 19.30
CA ALA A 389 38.45 -19.87 19.14
C ALA A 389 39.26 -19.78 17.83
N GLN A 390 39.90 -20.87 17.41
CA GLN A 390 40.70 -20.82 16.17
C GLN A 390 39.81 -20.81 14.96
N ARG A 391 38.71 -21.58 14.94
CA ARG A 391 37.84 -21.58 13.74
C ARG A 391 37.29 -20.11 13.57
N ALA A 392 36.87 -19.51 14.67
CA ALA A 392 36.33 -18.16 14.71
C ALA A 392 37.31 -17.10 14.14
N GLU A 393 38.56 -17.12 14.61
CA GLU A 393 39.56 -16.20 14.15
C GLU A 393 39.84 -16.29 12.66
N GLN A 394 39.94 -17.51 12.13
CA GLN A 394 40.21 -17.71 10.67
C GLN A 394 39.04 -17.15 9.87
N CYS A 395 37.84 -17.54 10.30
CA CYS A 395 36.62 -16.99 9.69
C CYS A 395 36.55 -15.47 9.78
N GLN A 396 36.82 -14.87 10.96
CA GLN A 396 36.88 -13.39 11.05
C GLN A 396 37.81 -12.74 10.03
N SER A 397 38.95 -13.40 9.74
CA SER A 397 39.96 -12.89 8.76
C SER A 397 39.42 -12.89 7.37
N VAL A 398 38.76 -14.01 7.02
CA VAL A 398 38.11 -14.10 5.70
C VAL A 398 36.97 -13.02 5.55
N LEU A 399 36.12 -12.92 6.59
CA LEU A 399 35.06 -11.92 6.62
C LEU A 399 35.68 -10.52 6.47
N LEU A 400 36.72 -10.20 7.24
CA LEU A 400 37.30 -8.86 7.16
C LEU A 400 37.90 -8.57 5.83
N ASN A 401 38.52 -9.59 5.22
CA ASN A 401 39.03 -9.47 3.83
C ASN A 401 37.91 -9.13 2.88
N ALA A 402 36.77 -9.78 3.06
CA ALA A 402 35.67 -9.66 2.10
C ALA A 402 35.01 -8.32 2.25
N LEU A 403 34.94 -7.82 3.47
CA LEU A 403 34.36 -6.48 3.68
C LEU A 403 35.32 -5.38 3.10
N ASN A 404 36.63 -5.61 3.24
CA ASN A 404 37.61 -4.69 2.63
C ASN A 404 37.61 -4.73 1.14
N PHE A 405 37.34 -5.91 0.58
CA PHE A 405 37.17 -6.02 -0.87
C PHE A 405 35.97 -5.13 -1.40
N GLU A 406 34.80 -5.24 -0.75
CA GLU A 406 33.66 -4.44 -1.23
C GLU A 406 34.06 -2.95 -1.11
N LEU A 407 34.71 -2.56 0.02
CA LEU A 407 35.04 -1.11 0.13
C LEU A 407 36.11 -0.71 -0.93
N SER A 408 37.14 -1.54 -1.09
CA SER A 408 38.26 -1.25 -2.10
C SER A 408 37.74 -1.15 -3.47
N ILE A 409 36.93 -2.10 -3.91
CA ILE A 409 36.37 -2.02 -5.26
C ILE A 409 35.43 -0.82 -5.51
N THR A 410 34.66 -0.47 -4.47
CA THR A 410 33.72 0.65 -4.63
C THR A 410 34.52 1.93 -4.79
N HIS A 411 35.64 1.96 -4.08
CA HIS A 411 36.50 3.18 -4.06
C HIS A 411 37.66 3.25 -5.09
N GLU A 412 37.77 2.21 -5.91
CA GLU A 412 38.77 2.13 -6.98
C GLU A 412 38.76 3.27 -8.04
N VAL A 413 37.59 3.85 -8.38
CA VAL A 413 37.42 4.80 -9.45
C VAL A 413 36.61 5.98 -8.94
N ASN A 414 36.47 7.02 -9.73
CA ASN A 414 35.62 8.11 -9.27
C ASN A 414 34.23 7.49 -8.98
N ASN A 415 33.64 7.90 -7.88
CA ASN A 415 32.35 7.33 -7.47
C ASN A 415 31.71 8.23 -6.44
N PRO A 416 31.24 9.46 -6.83
CA PRO A 416 30.65 10.38 -5.86
C PRO A 416 29.44 9.74 -5.11
N PHE A 417 28.66 8.94 -5.81
CA PHE A 417 27.46 8.35 -5.23
C PHE A 417 27.72 7.20 -4.29
N GLY A 418 28.94 6.67 -4.32
CA GLY A 418 29.29 5.54 -3.55
C GLY A 418 28.46 4.30 -3.99
N TYR A 419 28.12 4.19 -5.25
CA TYR A 419 27.44 2.99 -5.78
C TYR A 419 28.34 1.78 -5.54
N PRO A 420 27.79 0.68 -4.98
CA PRO A 420 28.67 -0.46 -4.60
C PRO A 420 29.15 -1.14 -5.84
N ARG A 421 30.46 -1.22 -6.04
CA ARG A 421 31.01 -1.79 -7.30
C ARG A 421 31.19 -3.26 -7.20
N GLN A 422 31.53 -3.93 -8.29
CA GLN A 422 31.59 -5.38 -8.29
C GLN A 422 32.58 -5.90 -9.36
N TYR A 423 33.08 -7.10 -9.13
CA TYR A 423 34.10 -7.72 -10.00
C TYR A 423 33.32 -8.75 -10.84
N THR A 424 33.28 -8.55 -12.15
CA THR A 424 32.39 -9.29 -13.06
C THR A 424 33.13 -9.86 -14.26
N LYS A 425 32.43 -10.68 -15.05
CA LYS A 425 33.01 -11.26 -16.24
C LYS A 425 31.85 -11.59 -17.15
N ALA A 426 31.88 -11.09 -18.39
CA ALA A 426 30.91 -11.48 -19.44
C ALA A 426 31.30 -12.84 -19.99
N VAL A 427 30.34 -13.55 -20.60
CA VAL A 427 30.67 -14.92 -21.15
C VAL A 427 31.83 -14.82 -22.14
N ASN A 428 31.91 -13.76 -22.92
CA ASN A 428 33.03 -13.65 -23.88
C ASN A 428 33.96 -12.49 -23.57
N GLY A 429 34.15 -12.19 -22.29
CA GLY A 429 34.88 -11.00 -21.90
C GLY A 429 35.85 -11.41 -20.81
N ASP A 430 36.67 -10.47 -20.37
CA ASP A 430 37.67 -10.78 -19.33
C ASP A 430 37.14 -10.21 -17.98
N LYS A 431 37.67 -10.73 -16.88
CA LYS A 431 37.40 -10.22 -15.50
C LYS A 431 37.70 -8.74 -15.45
N GLN A 432 36.74 -7.97 -14.97
CA GLN A 432 36.99 -6.53 -14.79
C GLN A 432 36.09 -6.03 -13.68
N SER A 433 36.48 -4.88 -13.08
CA SER A 433 35.59 -4.18 -12.11
C SER A 433 34.53 -3.38 -12.85
N ALA A 434 33.33 -3.22 -12.25
CA ALA A 434 32.22 -2.45 -12.92
C ALA A 434 31.28 -1.90 -11.90
N PHE A 435 30.42 -0.94 -12.29
CA PHE A 435 29.34 -0.53 -11.40
C PHE A 435 28.26 -1.61 -11.44
N PHE A 436 27.84 -1.98 -12.64
CA PHE A 436 26.58 -2.81 -12.84
C PHE A 436 26.92 -4.15 -13.46
N MET A 437 26.07 -5.15 -13.21
CA MET A 437 26.24 -6.46 -13.79
C MET A 437 26.36 -6.46 -15.35
N PRO A 438 27.06 -7.44 -15.90
CA PRO A 438 27.29 -7.54 -17.35
C PRO A 438 26.05 -8.07 -18.10
N HIS A 439 25.85 -7.52 -19.28
CA HIS A 439 24.64 -7.82 -20.03
C HIS A 439 24.79 -9.10 -20.78
N ASP A 440 26.03 -9.48 -21.05
CA ASP A 440 26.32 -10.70 -21.79
C ASP A 440 26.77 -11.77 -20.82
N ASN A 441 25.84 -12.58 -20.33
CA ASN A 441 26.10 -13.45 -19.20
C ASN A 441 25.44 -14.77 -19.49
N GLU A 442 25.56 -15.74 -18.60
CA GLU A 442 25.19 -17.14 -18.87
C GLU A 442 23.70 -17.30 -19.18
N THR A 443 22.87 -16.30 -18.84
CA THR A 443 21.44 -16.42 -19.20
C THR A 443 21.14 -16.13 -20.67
N GLY A 444 21.96 -15.30 -21.34
CA GLY A 444 21.68 -14.93 -22.71
C GLY A 444 20.65 -13.84 -22.86
N TYR A 445 20.20 -13.25 -21.73
CA TYR A 445 19.23 -12.13 -21.86
C TYR A 445 19.08 -11.29 -20.58
N TRP A 446 19.25 -11.91 -19.41
CA TRP A 446 18.71 -11.31 -18.16
C TRP A 446 19.70 -10.31 -17.55
N TRP A 447 19.22 -9.14 -17.24
CA TRP A 447 19.96 -8.17 -16.36
C TRP A 447 18.96 -7.11 -16.06
N GLN A 448 19.09 -6.47 -14.89
CA GLN A 448 18.10 -5.52 -14.50
C GLN A 448 18.72 -4.63 -13.39
N GLY A 449 17.92 -3.67 -12.94
CA GLY A 449 18.30 -2.78 -11.78
C GLY A 449 18.68 -3.67 -10.60
N GLU A 450 19.53 -3.18 -9.68
CA GLU A 450 20.08 -4.08 -8.66
C GLU A 450 19.67 -3.70 -7.22
N ASN A 451 18.52 -3.09 -7.02
CA ASN A 451 18.15 -2.68 -5.63
C ASN A 451 18.25 -3.75 -4.52
N ALA A 452 17.79 -5.00 -4.78
CA ALA A 452 17.95 -6.06 -3.78
C ALA A 452 19.47 -6.28 -3.42
N ARG A 453 20.33 -6.38 -4.45
CA ARG A 453 21.77 -6.55 -4.21
C ARG A 453 22.26 -5.36 -3.32
N ILE A 454 21.81 -4.16 -3.65
CA ILE A 454 22.25 -2.91 -2.92
C ILE A 454 21.79 -3.07 -1.43
N ALA A 455 20.49 -3.37 -1.23
CA ALA A 455 20.00 -3.58 0.15
C ALA A 455 20.68 -4.80 0.85
N SER A 456 21.11 -5.83 0.08
CA SER A 456 21.81 -6.95 0.74
C SER A 456 23.19 -6.51 1.24
N LEU A 457 23.81 -5.62 0.48
CA LEU A 457 25.12 -5.10 0.90
C LEU A 457 24.94 -4.06 2.04
N ILE A 458 23.89 -3.24 2.00
CA ILE A 458 23.47 -2.49 3.23
C ILE A 458 23.32 -3.34 4.49
N THR A 459 22.54 -4.45 4.39
CA THR A 459 22.41 -5.39 5.49
C THR A 459 23.78 -5.96 5.95
N MET A 460 24.63 -6.38 5.00
CA MET A 460 26.00 -6.90 5.39
C MET A 460 26.80 -5.82 6.18
N ALA A 461 26.79 -4.58 5.70
CA ALA A 461 27.63 -3.49 6.29
C ALA A 461 27.11 -3.25 7.74
N TYR A 462 25.80 -3.31 7.95
CA TYR A 462 25.26 -3.14 9.34
C TYR A 462 25.44 -4.32 10.20
N MET A 463 25.33 -5.52 9.65
CA MET A 463 25.56 -6.73 10.42
C MET A 463 27.02 -6.87 10.91
N ALA A 464 27.94 -6.32 10.12
CA ALA A 464 29.40 -6.31 10.46
C ALA A 464 29.66 -5.57 11.74
N GLN A 465 28.89 -4.52 11.97
CA GLN A 465 29.00 -3.70 13.22
C GLN A 465 29.01 -4.49 14.47
N ASN A 466 28.21 -5.56 14.54
CA ASN A 466 28.11 -6.37 15.76
C ASN A 466 29.08 -7.59 15.65
N THR A 467 29.59 -7.90 14.46
CA THR A 467 30.41 -9.09 14.28
C THR A 467 31.93 -8.80 14.34
N ILE A 468 32.42 -7.83 13.56
CA ILE A 468 33.88 -7.69 13.43
C ILE A 468 34.46 -6.91 14.61
N ASN A 469 35.79 -6.85 14.67
CA ASN A 469 36.48 -6.20 15.77
C ASN A 469 37.21 -4.94 15.36
N ASP A 470 37.30 -4.70 14.06
CA ASP A 470 38.10 -3.57 13.51
C ASP A 470 37.27 -2.29 13.39
N ASN A 471 37.48 -1.36 14.35
CA ASN A 471 36.74 -0.10 14.36
C ASN A 471 36.85 0.78 13.16
N GLU A 472 37.95 0.70 12.46
CA GLU A 472 38.12 1.64 11.35
C GLU A 472 37.30 1.10 10.14
N ILE A 473 37.33 -0.22 9.97
CA ILE A 473 36.50 -0.84 8.95
C ILE A 473 35.01 -0.66 9.32
N LYS A 474 34.67 -0.84 10.59
CA LYS A 474 33.29 -0.59 11.01
C LYS A 474 32.80 0.77 10.56
N SER A 475 33.65 1.76 10.83
CA SER A 475 33.30 3.10 10.48
C SER A 475 33.21 3.34 8.95
N GLN A 476 34.12 2.76 8.16
CA GLN A 476 33.97 2.85 6.69
C GLN A 476 32.68 2.15 6.22
N LEU A 477 32.38 1.01 6.85
CA LEU A 477 31.11 0.28 6.48
C LEU A 477 29.83 1.11 6.79
N MET A 478 29.81 1.87 7.92
CA MET A 478 28.61 2.75 8.26
C MET A 478 28.42 3.76 7.17
N ILE A 479 29.55 4.31 6.66
CA ILE A 479 29.47 5.32 5.63
C ILE A 479 28.96 4.65 4.34
N TYR A 480 29.55 3.52 4.05
CA TYR A 480 29.17 2.74 2.84
C TYR A 480 27.66 2.40 2.89
N ALA A 481 27.20 1.94 4.05
CA ALA A 481 25.78 1.53 4.20
C ALA A 481 24.87 2.74 3.94
N HIS A 482 25.22 3.91 4.46
CA HIS A 482 24.32 5.03 4.26
C HIS A 482 24.27 5.56 2.85
N ARG A 483 25.36 5.50 2.12
CA ARG A 483 25.34 5.98 0.73
C ARG A 483 24.56 4.96 -0.16
N LEU A 484 24.70 3.69 0.15
CA LEU A 484 23.85 2.66 -0.52
C LEU A 484 22.32 2.93 -0.34
N THR A 485 21.95 3.29 0.86
CA THR A 485 20.61 3.56 1.26
C THR A 485 20.19 4.81 0.54
N ASP A 486 21.02 5.90 0.60
CA ASP A 486 20.71 7.07 -0.18
C ASP A 486 20.37 6.85 -1.69
N TRP A 487 21.17 6.06 -2.32
CA TRP A 487 20.92 5.70 -3.72
C TRP A 487 19.50 5.13 -3.96
N ILE A 488 19.09 4.14 -3.16
CA ILE A 488 17.73 3.61 -3.37
C ILE A 488 16.68 4.68 -3.19
N LEU A 489 16.92 5.63 -2.25
CA LEU A 489 15.95 6.61 -1.89
C LEU A 489 16.11 8.01 -2.56
N GLY A 490 16.78 8.07 -3.70
CA GLY A 490 16.66 9.18 -4.58
C GLY A 490 17.93 10.00 -4.68
N LEU A 491 18.99 9.58 -3.98
CA LEU A 491 20.32 10.24 -4.18
C LEU A 491 21.09 9.46 -5.26
N ASN A 492 20.66 9.74 -6.48
CA ASN A 492 21.20 9.11 -7.68
C ASN A 492 21.06 10.07 -8.84
N PRO A 493 21.70 9.79 -9.99
CA PRO A 493 21.62 10.73 -11.12
C PRO A 493 20.27 11.02 -11.69
N PHE A 494 19.26 10.17 -11.41
CA PHE A 494 17.89 10.33 -11.88
C PHE A 494 16.99 11.08 -10.89
N ASP A 495 17.56 11.50 -9.75
CA ASP A 495 16.79 12.17 -8.70
C ASP A 495 15.49 11.37 -8.38
N MET A 496 15.63 10.05 -8.27
CA MET A 496 14.43 9.16 -8.32
C MET A 496 14.45 8.24 -7.08
N CYS A 497 13.45 8.41 -6.18
CA CYS A 497 13.25 7.53 -5.04
C CYS A 497 12.56 6.25 -5.56
N MET A 498 13.17 5.11 -5.31
CA MET A 498 12.62 3.88 -5.93
C MET A 498 11.80 3.06 -4.92
N LEU A 499 11.52 3.65 -3.76
CA LEU A 499 10.58 3.04 -2.76
C LEU A 499 9.24 3.74 -3.03
N ASP A 500 8.26 2.97 -3.53
CA ASP A 500 7.02 3.59 -4.06
C ASP A 500 6.19 4.18 -2.90
N GLY A 501 5.73 5.42 -3.07
CA GLY A 501 5.00 6.03 -1.95
C GLY A 501 5.79 6.99 -1.09
N HIS A 502 7.09 7.01 -1.33
CA HIS A 502 8.01 7.88 -0.59
C HIS A 502 8.88 8.66 -1.55
N GLY A 503 9.31 9.85 -1.10
CA GLY A 503 10.12 10.68 -1.98
C GLY A 503 9.47 11.12 -3.27
N ARG A 504 10.27 11.33 -4.30
CA ARG A 504 9.76 11.95 -5.53
C ARG A 504 10.16 11.14 -6.75
N ASN A 505 9.47 11.39 -7.87
CA ASN A 505 9.75 10.75 -9.17
C ASN A 505 9.65 9.22 -9.10
N ASN A 506 8.76 8.68 -8.26
CA ASN A 506 8.57 7.17 -8.19
C ASN A 506 8.28 6.63 -9.58
N PRO A 507 9.02 5.64 -10.05
CA PRO A 507 8.74 5.17 -11.41
C PRO A 507 7.59 4.13 -11.41
N ASP A 508 6.88 4.04 -12.54
CA ASP A 508 5.88 2.94 -12.63
C ASP A 508 6.32 1.88 -13.58
N TYR A 509 5.50 0.83 -13.74
CA TYR A 509 5.86 -0.23 -14.62
C TYR A 509 4.97 -0.13 -15.87
N LEU A 510 3.84 -0.83 -15.94
CA LEU A 510 2.97 -0.73 -17.13
C LEU A 510 1.54 -0.47 -16.67
N PRO A 511 1.30 0.70 -16.04
CA PRO A 511 -0.04 0.96 -15.43
C PRO A 511 -1.11 0.98 -16.53
N GLU A 512 -0.70 1.31 -17.75
CA GLU A 512 -1.68 1.40 -18.84
C GLU A 512 -2.15 -0.04 -19.21
N LEU A 513 -1.40 -1.10 -18.88
CA LEU A 513 -1.82 -2.45 -19.11
C LEU A 513 -2.37 -3.11 -17.80
N GLY A 514 -2.54 -2.31 -16.77
CA GLY A 514 -3.08 -2.86 -15.47
C GLY A 514 -1.99 -3.33 -14.51
N PHE A 515 -0.72 -3.14 -14.90
CA PHE A 515 0.39 -3.65 -14.12
C PHE A 515 1.07 -2.44 -13.44
N SER A 516 0.40 -2.02 -12.35
CA SER A 516 0.82 -0.85 -11.59
C SER A 516 1.76 -1.26 -10.46
N ASN A 517 2.79 -0.47 -10.22
CA ASN A 517 3.65 -0.72 -9.03
C ASN A 517 2.85 -0.39 -7.78
N ALA A 518 3.22 -1.00 -6.68
CA ALA A 518 2.43 -0.96 -5.47
C ALA A 518 3.19 -0.10 -4.47
N LYS A 519 2.43 0.70 -3.71
CA LYS A 519 3.05 1.42 -2.59
C LYS A 519 3.76 0.50 -1.59
N GLY A 520 4.89 0.98 -1.09
CA GLY A 520 5.68 0.15 -0.16
C GLY A 520 6.67 -0.78 -0.87
N GLY A 521 6.52 -0.99 -2.19
CA GLY A 521 7.45 -1.91 -2.87
C GLY A 521 8.66 -1.16 -3.46
N VAL A 522 9.64 -1.93 -3.92
CA VAL A 522 10.85 -1.31 -4.47
C VAL A 522 11.04 -1.89 -5.87
N CYS A 523 11.48 -1.05 -6.79
CA CYS A 523 11.64 -1.54 -8.21
C CYS A 523 13.00 -2.10 -8.49
N ASN A 524 13.18 -2.66 -9.68
CA ASN A 524 14.53 -3.20 -10.02
C ASN A 524 15.56 -2.07 -9.91
N GLY A 525 15.29 -0.96 -10.58
CA GLY A 525 16.19 0.23 -10.55
C GLY A 525 17.14 0.47 -11.78
N ILE A 526 18.25 1.16 -11.50
CA ILE A 526 19.15 1.72 -12.54
C ILE A 526 20.15 0.65 -12.98
N THR A 527 20.54 0.68 -14.25
CA THR A 527 21.51 -0.32 -14.81
C THR A 527 22.54 0.46 -15.58
N SER A 528 23.41 -0.25 -16.31
CA SER A 528 24.31 0.47 -17.24
C SER A 528 23.50 0.80 -18.48
N GLY A 529 24.14 1.43 -19.49
CA GLY A 529 23.39 1.80 -20.67
C GLY A 529 23.03 0.53 -21.47
N PHE A 530 22.02 0.64 -22.29
CA PHE A 530 21.58 -0.53 -23.08
C PHE A 530 22.61 -0.83 -24.20
N GLU A 531 23.17 0.22 -24.80
CA GLU A 531 24.21 0.09 -25.82
C GLU A 531 25.53 0.28 -25.14
N ASN A 532 25.65 1.24 -24.23
CA ASN A 532 26.95 1.45 -23.62
C ASN A 532 27.01 0.92 -22.21
N GLU A 533 27.72 -0.18 -21.99
CA GLU A 533 27.85 -0.75 -20.63
C GLU A 533 28.68 0.05 -19.62
N GLN A 534 29.35 1.08 -20.11
CA GLN A 534 30.09 2.02 -19.27
C GLN A 534 29.24 3.18 -18.90
N GLY A 535 28.03 3.23 -19.48
CA GLY A 535 27.05 4.25 -19.24
C GLY A 535 26.15 3.93 -18.03
N ILE A 536 25.09 4.70 -17.93
CA ILE A 536 24.04 4.53 -16.91
C ILE A 536 22.71 4.73 -17.58
N ALA A 537 21.67 3.98 -17.15
CA ALA A 537 20.37 4.14 -17.80
C ALA A 537 19.25 3.74 -16.83
N PHE A 538 18.12 4.38 -17.05
CA PHE A 538 16.90 3.97 -16.41
C PHE A 538 15.76 4.34 -17.34
N LYS A 539 15.02 3.36 -17.83
CA LYS A 539 14.01 3.60 -18.90
C LYS A 539 14.57 4.46 -20.06
N PRO A 540 15.73 4.11 -20.62
CA PRO A 540 16.34 4.95 -21.70
C PRO A 540 15.39 5.11 -22.85
N GLU A 541 15.45 6.26 -23.50
CA GLU A 541 14.45 6.52 -24.51
C GLU A 541 14.27 5.45 -25.60
N LYS A 542 15.37 4.80 -26.02
CA LYS A 542 15.23 3.86 -27.13
C LYS A 542 14.41 2.59 -26.78
N GLN A 543 14.34 2.23 -25.50
CA GLN A 543 13.73 0.95 -25.11
C GLN A 543 12.63 1.18 -24.09
N LYS A 544 12.40 2.43 -23.68
CA LYS A 544 11.45 2.68 -22.60
C LYS A 544 10.05 2.13 -22.94
N ASP A 545 9.67 2.03 -24.21
CA ASP A 545 8.30 1.60 -24.60
C ASP A 545 8.28 0.17 -25.14
N ASP A 546 9.44 -0.49 -25.09
CA ASP A 546 9.60 -1.79 -25.63
C ASP A 546 9.32 -2.83 -24.51
N MET A 547 8.17 -3.52 -24.56
CA MET A 547 7.89 -4.52 -23.48
C MET A 547 8.86 -5.71 -23.34
N LEU A 548 9.70 -5.99 -24.34
CA LEU A 548 10.69 -7.04 -24.17
C LEU A 548 11.87 -6.59 -23.28
N GLN A 549 12.02 -5.27 -23.10
CA GLN A 549 13.15 -4.70 -22.35
C GLN A 549 12.78 -3.91 -21.09
N ASN A 550 11.58 -3.28 -21.09
CA ASN A 550 11.30 -2.22 -20.07
C ASN A 550 11.05 -2.73 -18.65
N TRP A 551 10.83 -4.02 -18.53
CA TRP A 551 10.76 -4.62 -17.22
C TRP A 551 12.11 -4.51 -16.43
N ARG A 552 13.22 -4.27 -17.10
CA ARG A 552 14.57 -4.24 -16.47
C ARG A 552 14.70 -3.08 -15.48
N TRP A 553 13.86 -2.08 -15.65
CA TRP A 553 13.96 -0.84 -14.89
C TRP A 553 12.84 -0.66 -13.86
N GLY A 554 11.64 -0.30 -14.32
CA GLY A 554 10.53 -0.03 -13.40
C GLY A 554 9.75 -1.12 -12.73
N GLU A 555 9.88 -2.36 -13.18
CA GLU A 555 9.08 -3.42 -12.59
C GLU A 555 9.49 -3.59 -11.10
N GLN A 556 8.52 -3.79 -10.19
CA GLN A 556 8.84 -4.31 -8.82
C GLN A 556 8.98 -5.80 -8.72
N TRP A 557 9.81 -6.22 -7.77
CA TRP A 557 10.17 -7.62 -7.61
C TRP A 557 10.38 -7.83 -6.12
N ILE A 558 9.81 -8.90 -5.57
CA ILE A 558 9.69 -8.97 -4.11
C ILE A 558 11.05 -9.02 -3.37
N PRO A 559 12.09 -9.60 -3.98
CA PRO A 559 13.36 -9.57 -3.25
C PRO A 559 13.84 -8.09 -2.97
N HIS A 560 13.50 -7.07 -3.79
CA HIS A 560 14.09 -5.76 -3.49
C HIS A 560 13.48 -5.29 -2.16
N GLY A 561 12.14 -5.42 -2.10
CA GLY A 561 11.33 -5.10 -0.86
C GLY A 561 11.86 -5.82 0.35
N ALA A 562 12.02 -7.13 0.25
CA ALA A 562 12.47 -7.98 1.37
C ALA A 562 13.88 -7.59 1.83
N TRP A 563 14.81 -7.31 0.88
CA TRP A 563 16.17 -6.96 1.31
C TRP A 563 16.13 -5.58 1.97
N TYR A 564 15.22 -4.70 1.47
CA TYR A 564 15.12 -3.36 1.96
C TYR A 564 14.62 -3.47 3.37
N LEU A 565 13.59 -4.31 3.62
CA LEU A 565 13.04 -4.42 4.93
C LEU A 565 14.14 -4.88 5.89
N LEU A 566 14.93 -5.89 5.50
CA LEU A 566 15.99 -6.35 6.43
C LEU A 566 17.05 -5.21 6.64
N ALA A 567 17.41 -4.54 5.57
CA ALA A 567 18.42 -3.47 5.62
C ALA A 567 18.07 -2.43 6.63
N ILE A 568 16.84 -1.92 6.57
CA ILE A 568 16.45 -0.90 7.54
C ILE A 568 16.30 -1.41 8.95
N THR A 569 16.06 -2.72 9.13
CA THR A 569 15.94 -3.24 10.43
C THR A 569 17.38 -3.32 11.05
N MET A 570 18.36 -3.66 10.22
CA MET A 570 19.75 -3.78 10.74
C MET A 570 20.28 -2.32 10.98
N GLN A 571 19.87 -1.36 10.15
CA GLN A 571 20.20 0.07 10.44
C GLN A 571 19.61 0.52 11.78
N PHE A 572 18.38 0.07 12.06
CA PHE A 572 17.66 0.45 13.29
C PHE A 572 18.42 -0.11 14.50
N LYS A 573 18.79 -1.40 14.43
CA LYS A 573 19.60 -2.04 15.48
C LYS A 573 20.89 -1.22 15.79
N GLU A 574 21.56 -0.75 14.76
CA GLU A 574 22.83 -0.04 14.88
C GLU A 574 22.69 1.49 14.94
N ARG A 575 21.48 2.03 15.12
CA ARG A 575 21.31 3.46 14.87
C ARG A 575 22.10 4.31 15.99
N ASN A 576 22.32 3.75 17.18
CA ASN A 576 23.06 4.49 18.23
C ASN A 576 24.55 4.24 18.16
N HIS A 577 25.01 3.64 17.07
CA HIS A 577 26.40 3.21 16.95
C HIS A 577 27.27 4.45 17.05
N VAL A 578 27.89 4.58 18.20
CA VAL A 578 28.92 5.60 18.37
C VAL A 578 30.25 4.99 17.77
N MET B 1 1.60 34.79 2.80
CA MET B 1 1.03 34.35 1.53
C MET B 1 1.22 32.83 1.35
N GLN B 2 0.13 32.08 1.20
CA GLN B 2 0.13 30.66 0.90
C GLN B 2 -0.85 30.35 -0.26
N LEU B 3 -0.37 29.62 -1.25
CA LEU B 3 -1.19 29.29 -2.39
C LEU B 3 -1.62 27.84 -2.27
N LEU B 4 -2.91 27.61 -2.14
CA LEU B 4 -3.40 26.22 -1.97
C LEU B 4 -3.97 25.61 -3.24
N THR B 5 -3.51 24.41 -3.59
CA THR B 5 -4.06 23.72 -4.78
C THR B 5 -4.44 22.30 -4.41
N ASN B 6 -5.18 21.63 -5.30
CA ASN B 6 -5.25 20.19 -5.28
C ASN B 6 -3.83 19.65 -5.40
N HIS B 7 -3.35 18.88 -4.40
CA HIS B 7 -1.95 18.37 -4.39
C HIS B 7 -1.65 17.46 -5.56
N LEU B 8 -2.62 16.68 -6.02
CA LEU B 8 -2.42 15.88 -7.21
C LEU B 8 -2.55 16.71 -8.48
N GLY B 9 -3.71 17.41 -8.61
CA GLY B 9 -3.93 18.18 -9.82
C GLY B 9 -5.40 18.19 -10.17
N TYR B 10 -5.67 18.37 -11.46
CA TYR B 10 -7.03 18.66 -11.95
C TYR B 10 -7.35 17.81 -13.14
N GLU B 11 -8.56 17.27 -13.16
CA GLU B 11 -9.04 16.59 -14.32
C GLU B 11 -8.94 17.59 -15.53
N ARG B 12 -8.55 17.10 -16.73
CA ARG B 12 -8.24 17.99 -17.89
C ARG B 12 -9.36 19.00 -18.14
N LEU B 13 -10.61 18.52 -18.14
CA LEU B 13 -11.80 19.40 -18.46
C LEU B 13 -12.58 19.78 -17.18
N GLY B 14 -12.17 19.33 -15.99
CA GLY B 14 -12.84 19.80 -14.75
C GLY B 14 -12.72 21.29 -14.45
N ALA B 15 -13.45 21.73 -13.42
CA ALA B 15 -13.35 23.01 -12.81
C ALA B 15 -12.05 23.09 -12.09
N LYS B 16 -11.36 24.25 -12.12
CA LYS B 16 -10.00 24.32 -11.61
C LYS B 16 -9.88 25.54 -10.84
N GLN B 17 -9.54 25.45 -9.55
CA GLN B 17 -9.23 26.65 -8.77
C GLN B 17 -8.07 26.45 -7.83
N ALA B 18 -7.46 27.55 -7.43
CA ALA B 18 -6.54 27.61 -6.33
C ALA B 18 -7.04 28.71 -5.41
N ILE B 19 -6.59 28.70 -4.17
CA ILE B 19 -7.02 29.62 -3.16
C ILE B 19 -5.82 30.18 -2.54
N LEU B 20 -5.73 31.52 -2.51
CA LEU B 20 -4.59 32.26 -1.94
C LEU B 20 -5.05 32.72 -0.53
N GLN B 21 -4.32 32.36 0.54
CA GLN B 21 -4.58 32.99 1.85
C GLN B 21 -3.52 34.02 2.08
N ALA B 22 -3.94 35.30 2.20
CA ALA B 22 -3.06 36.47 2.49
C ALA B 22 -3.79 37.59 3.25
N GLN B 23 -3.05 38.61 3.71
CA GLN B 23 -3.67 39.86 4.31
C GLN B 23 -3.45 41.16 3.53
N HIS B 29 -3.18 42.30 -6.65
CA HIS B 29 -2.41 41.37 -7.47
C HIS B 29 -3.26 40.60 -8.50
N HIS B 30 -2.58 39.83 -9.34
CA HIS B 30 -3.25 38.87 -10.21
C HIS B 30 -2.36 37.61 -10.14
N ALA B 31 -2.76 36.54 -10.81
CA ALA B 31 -1.99 35.32 -10.71
C ALA B 31 -1.55 34.87 -12.06
N ASP B 32 -0.39 34.23 -12.08
CA ASP B 32 0.03 33.54 -13.28
C ASP B 32 0.05 32.01 -13.15
N ILE B 33 -0.29 31.34 -14.22
CA ILE B 33 -0.10 29.91 -14.38
C ILE B 33 1.19 29.79 -15.19
N ILE B 34 2.12 28.98 -14.65
CA ILE B 34 3.44 28.72 -15.20
C ILE B 34 3.56 27.26 -15.65
N CYS B 35 3.88 27.05 -16.93
CA CYS B 35 4.21 25.75 -17.45
C CYS B 35 5.58 25.36 -16.88
N CYS B 36 5.63 24.22 -16.18
CA CYS B 36 6.83 23.79 -15.42
C CYS B 36 8.03 23.67 -16.36
N GLN B 37 7.80 22.81 -17.38
CA GLN B 37 8.61 22.59 -18.59
C GLN B 37 9.18 23.87 -19.23
N SER B 38 8.34 24.90 -19.39
CA SER B 38 8.77 26.22 -19.88
C SER B 38 9.49 27.15 -18.88
N GLY B 39 9.21 27.00 -17.57
CA GLY B 39 9.66 27.99 -16.58
C GLY B 39 8.98 29.35 -16.73
N GLN B 40 7.97 29.47 -17.62
CA GLN B 40 7.27 30.74 -17.95
C GLN B 40 5.68 30.70 -18.12
N SER B 41 5.04 31.88 -18.02
CA SER B 41 3.60 32.07 -17.82
C SER B 41 2.73 31.84 -19.04
N ILE B 42 1.69 31.00 -18.91
CA ILE B 42 0.75 30.82 -20.00
C ILE B 42 -0.67 31.42 -19.83
N MET B 43 -1.04 31.85 -18.64
CA MET B 43 -2.36 32.48 -18.40
C MET B 43 -2.14 33.42 -17.29
N GLN B 44 -2.92 34.50 -17.29
CA GLN B 44 -2.85 35.54 -16.28
C GLN B 44 -4.30 35.68 -15.86
N LEU B 45 -4.52 35.65 -14.56
CA LEU B 45 -5.89 35.50 -14.05
C LEU B 45 -6.13 36.36 -12.84
N PRO B 46 -7.35 36.94 -12.74
CA PRO B 46 -7.58 37.84 -11.60
C PRO B 46 -7.90 37.10 -10.30
N LEU B 47 -7.54 37.68 -9.15
CA LEU B 47 -7.87 37.12 -7.83
C LEU B 47 -9.29 37.58 -7.40
N GLN B 48 -10.27 36.69 -7.14
CA GLN B 48 -11.60 37.13 -6.58
C GLN B 48 -11.56 37.07 -5.06
N ALA B 49 -11.81 38.20 -4.38
CA ALA B 49 -11.75 38.24 -2.90
C ALA B 49 -12.91 37.44 -2.29
N CYS B 50 -12.64 36.80 -1.15
CA CYS B 50 -13.67 36.13 -0.38
C CYS B 50 -13.55 36.58 1.10
N GLY B 51 -14.70 36.69 1.78
CA GLY B 51 -14.72 37.13 3.20
C GLY B 51 -14.02 36.16 4.15
N PRO B 52 -14.22 36.34 5.48
CA PRO B 52 -13.73 35.33 6.39
C PRO B 52 -14.74 34.16 6.41
N VAL B 53 -14.30 32.94 6.75
CA VAL B 53 -15.24 31.80 6.73
C VAL B 53 -15.72 31.53 8.15
N ALA B 54 -17.04 31.49 8.37
CA ALA B 54 -17.63 31.15 9.70
C ALA B 54 -16.79 31.71 10.82
N GLN B 55 -16.28 30.89 11.74
CA GLN B 55 -15.22 31.30 12.66
C GLN B 55 -13.92 30.50 12.57
N TRP B 56 -13.52 30.19 11.35
CA TRP B 56 -12.32 29.38 11.10
C TRP B 56 -11.02 30.16 11.39
N HIS B 57 -11.14 31.50 11.37
CA HIS B 57 -10.04 32.41 11.64
C HIS B 57 -8.85 32.08 10.72
N ILE B 58 -9.11 31.96 9.42
CA ILE B 58 -8.01 31.67 8.48
C ILE B 58 -7.54 32.91 7.67
N GLY B 59 -7.98 34.08 8.11
CA GLY B 59 -7.68 35.34 7.45
C GLY B 59 -8.55 35.45 6.22
N ASP B 60 -8.16 36.37 5.36
CA ASP B 60 -8.88 36.62 4.13
C ASP B 60 -8.34 35.72 3.06
N THR B 61 -9.21 35.45 2.07
CA THR B 61 -8.89 34.54 0.99
C THR B 61 -9.30 35.05 -0.40
N TYR B 62 -8.64 34.52 -1.43
CA TYR B 62 -8.96 34.81 -2.82
C TYR B 62 -8.94 33.55 -3.63
N SER B 63 -9.90 33.41 -4.51
CA SER B 63 -9.88 32.28 -5.40
C SER B 63 -9.40 32.72 -6.80
N ILE B 64 -8.76 31.77 -7.48
CA ILE B 64 -8.27 31.92 -8.80
C ILE B 64 -8.89 30.82 -9.60
N ASP B 65 -9.69 31.19 -10.59
CA ASP B 65 -10.30 30.22 -11.47
C ASP B 65 -9.48 29.99 -12.76
N PHE B 66 -8.83 28.83 -12.89
CA PHE B 66 -8.15 28.47 -14.14
C PHE B 66 -8.78 27.35 -14.91
N THR B 67 -10.13 27.27 -14.86
CA THR B 67 -10.80 26.19 -15.54
C THR B 67 -10.46 26.04 -17.00
N ALA B 68 -10.26 27.16 -17.68
CA ALA B 68 -10.02 27.18 -19.14
C ALA B 68 -8.81 26.33 -19.56
N LEU B 69 -7.80 26.22 -18.67
CA LEU B 69 -6.61 25.40 -18.92
C LEU B 69 -6.99 23.98 -19.22
N ASN B 70 -6.65 23.50 -20.42
CA ASN B 70 -7.05 22.16 -20.86
C ASN B 70 -5.94 21.35 -21.49
N ILE B 71 -4.73 21.89 -21.41
CA ILE B 71 -3.58 21.22 -21.96
C ILE B 71 -2.90 20.23 -20.92
N CYS B 72 -2.89 18.93 -21.17
CA CYS B 72 -2.19 18.05 -20.21
C CYS B 72 -0.79 18.56 -19.92
N GLY B 73 -0.43 18.73 -18.65
CA GLY B 73 0.97 19.00 -18.29
C GLY B 73 1.12 19.31 -16.82
N ASP B 74 2.30 19.78 -16.45
CA ASP B 74 2.59 20.06 -15.06
C ASP B 74 2.65 21.55 -14.92
N TYR B 75 2.10 22.15 -13.86
CA TYR B 75 2.04 23.64 -13.74
C TYR B 75 2.23 24.06 -12.30
N ARG B 76 2.43 25.35 -12.06
CA ARG B 76 2.51 25.96 -10.71
C ARG B 76 1.68 27.25 -10.83
N ILE B 77 1.25 27.83 -9.71
CA ILE B 77 0.53 29.11 -9.74
C ILE B 77 1.55 30.01 -9.07
N ARG B 78 1.67 31.23 -9.58
CA ARG B 78 2.45 32.23 -8.92
C ARG B 78 1.63 33.52 -8.71
N VAL B 79 1.75 34.10 -7.53
CA VAL B 79 1.18 35.41 -7.17
C VAL B 79 2.31 36.08 -6.47
N GLY B 80 2.79 37.20 -7.05
CA GLY B 80 3.93 37.86 -6.47
C GLY B 80 5.08 36.92 -6.58
N ASP B 81 5.79 36.80 -5.49
CA ASP B 81 6.88 35.86 -5.39
C ASP B 81 6.50 34.56 -4.60
N THR B 82 5.20 34.40 -4.40
CA THR B 82 4.66 33.15 -3.79
C THR B 82 4.32 32.17 -4.90
N GLU B 83 4.80 30.93 -4.76
CA GLU B 83 4.49 29.93 -5.78
C GLU B 83 3.75 28.72 -5.18
N SER B 84 2.77 28.15 -5.88
CA SER B 84 2.16 26.89 -5.36
C SER B 84 3.18 25.76 -5.59
N ALA B 85 2.89 24.58 -5.03
CA ALA B 85 3.64 23.43 -5.49
C ALA B 85 3.17 23.07 -6.91
N SER B 86 3.91 22.23 -7.60
CA SER B 86 3.56 21.78 -8.92
C SER B 86 2.38 20.87 -8.79
N PHE B 87 1.54 20.80 -9.82
CA PHE B 87 0.44 19.80 -9.88
C PHE B 87 0.23 19.37 -11.32
N CYS B 88 -0.54 18.33 -11.53
CA CYS B 88 -0.65 17.74 -12.86
C CYS B 88 -2.06 18.06 -13.41
N VAL B 89 -2.17 18.42 -14.69
CA VAL B 89 -3.49 18.42 -15.41
C VAL B 89 -3.49 17.26 -16.39
N ALA B 90 -4.46 16.34 -16.30
CA ALA B 90 -4.46 15.17 -17.15
C ALA B 90 -5.84 14.64 -17.32
N GLU B 91 -6.04 13.87 -18.40
CA GLU B 91 -7.37 13.25 -18.60
C GLU B 91 -7.38 12.05 -17.64
N GLY B 92 -8.43 11.90 -16.82
CA GLY B 92 -8.60 10.70 -15.96
C GLY B 92 -7.50 10.64 -14.93
N LEU B 93 -7.12 11.82 -14.43
CA LEU B 93 -5.96 11.95 -13.51
C LEU B 93 -6.07 10.99 -12.33
N LEU B 94 -7.17 11.07 -11.55
CA LEU B 94 -7.19 10.30 -10.30
C LEU B 94 -7.30 8.81 -10.58
N MET B 95 -7.96 8.48 -11.68
CA MET B 95 -8.09 7.07 -12.05
C MET B 95 -6.69 6.51 -12.36
N GLN B 96 -5.90 7.27 -13.12
CA GLN B 96 -4.63 6.69 -13.56
C GLN B 96 -3.62 6.71 -12.39
N ASN B 97 -3.77 7.72 -11.56
CA ASN B 97 -2.81 7.89 -10.45
C ASN B 97 -3.10 7.20 -9.09
N THR B 98 -4.37 6.93 -8.73
CA THR B 98 -4.71 6.52 -7.35
C THR B 98 -5.61 5.29 -7.27
N PHE B 99 -6.35 4.95 -8.34
CA PHE B 99 -7.34 3.86 -8.23
C PHE B 99 -6.65 2.51 -7.81
N SER B 100 -5.55 2.17 -8.48
CA SER B 100 -4.81 0.99 -8.10
C SER B 100 -4.34 0.98 -6.63
N ASP B 101 -3.88 2.12 -6.14
CA ASP B 101 -3.44 2.20 -4.75
C ASP B 101 -4.55 1.93 -3.79
N VAL B 102 -5.76 2.46 -4.07
CA VAL B 102 -6.90 2.24 -3.17
C VAL B 102 -7.23 0.73 -3.14
N LEU B 103 -7.11 0.02 -4.29
CA LEU B 103 -7.36 -1.42 -4.23
C LEU B 103 -6.30 -2.13 -3.42
N HIS B 104 -5.05 -1.74 -3.64
CA HIS B 104 -4.01 -2.34 -2.78
C HIS B 104 -4.26 -2.09 -1.28
N TYR B 105 -4.81 -0.91 -0.97
CA TYR B 105 -5.15 -0.56 0.43
C TYR B 105 -6.17 -1.53 0.92
N PHE B 106 -7.27 -1.78 0.19
CA PHE B 106 -8.21 -2.78 0.64
C PHE B 106 -7.56 -4.17 0.82
N LYS B 107 -6.78 -4.65 -0.14
CA LYS B 107 -6.18 -5.95 0.06
C LYS B 107 -5.26 -5.97 1.28
N SER B 108 -4.56 -4.86 1.59
CA SER B 108 -3.62 -4.82 2.72
C SER B 108 -4.47 -4.84 4.04
N GLN B 109 -5.72 -4.43 3.96
CA GLN B 109 -6.63 -4.39 5.11
C GLN B 109 -7.54 -5.65 5.33
N ARG B 110 -7.39 -6.67 4.49
CA ARG B 110 -8.15 -7.93 4.74
C ARG B 110 -7.83 -8.58 6.08
N CYS B 111 -8.88 -9.03 6.76
CA CYS B 111 -8.79 -9.81 7.95
C CYS B 111 -7.95 -11.08 7.67
N SER B 112 -6.94 -11.32 8.48
CA SER B 112 -5.96 -12.37 8.14
C SER B 112 -5.34 -12.89 9.38
N GLY B 113 -4.42 -13.85 9.21
CA GLY B 113 -3.64 -14.37 10.33
C GLY B 113 -4.49 -14.77 11.55
N ILE B 114 -4.06 -14.37 12.74
CA ILE B 114 -4.75 -14.75 14.01
C ILE B 114 -6.20 -14.27 14.15
N TYR B 115 -6.52 -13.15 13.50
CA TYR B 115 -7.89 -12.66 13.55
C TYR B 115 -8.83 -13.48 12.67
N GLU B 116 -8.34 -13.85 11.49
CA GLU B 116 -9.07 -14.77 10.60
C GLU B 116 -9.29 -16.09 11.29
N CYS B 117 -8.26 -16.60 11.96
CA CYS B 117 -8.34 -17.84 12.71
C CYS B 117 -9.38 -17.72 13.83
N ALA B 118 -9.39 -16.56 14.56
CA ALA B 118 -10.35 -16.41 15.62
C ALA B 118 -11.75 -16.33 15.03
N ASP B 119 -11.87 -15.69 13.89
CA ASP B 119 -13.23 -15.35 13.41
C ASP B 119 -13.97 -16.61 12.85
N LYS B 120 -13.20 -17.72 12.73
CA LYS B 120 -13.82 -19.00 12.29
C LYS B 120 -14.65 -19.59 13.42
N LYS B 121 -14.56 -19.03 14.63
CA LYS B 121 -15.22 -19.63 15.79
C LYS B 121 -15.54 -18.55 16.85
N VAL B 122 -16.15 -17.46 16.42
CA VAL B 122 -16.47 -16.33 17.30
C VAL B 122 -17.78 -16.67 18.02
N PRO B 123 -17.87 -16.38 19.30
CA PRO B 123 -19.15 -16.56 20.02
C PRO B 123 -20.15 -15.42 19.71
N LEU B 124 -21.43 -15.77 19.73
CA LEU B 124 -22.52 -14.79 19.67
C LEU B 124 -22.70 -14.26 21.06
N PHE B 125 -22.73 -12.92 21.21
CA PHE B 125 -22.82 -12.32 22.53
C PHE B 125 -23.97 -12.92 23.40
N GLY B 126 -23.64 -13.26 24.62
CA GLY B 126 -24.65 -13.67 25.59
C GLY B 126 -24.79 -15.20 25.55
N THR B 127 -24.18 -15.87 24.55
CA THR B 127 -24.35 -17.30 24.47
C THR B 127 -23.00 -18.02 24.35
N ASN B 128 -23.03 -19.37 24.34
CA ASN B 128 -21.80 -20.06 24.04
C ASN B 128 -21.79 -20.55 22.59
N GLU B 129 -22.74 -20.11 21.73
CA GLU B 129 -22.75 -20.61 20.33
C GLU B 129 -21.69 -19.88 19.49
N THR B 130 -20.88 -20.62 18.73
CA THR B 130 -19.79 -20.04 17.94
C THR B 130 -20.15 -20.16 16.48
N VAL B 131 -19.73 -19.20 15.68
CA VAL B 131 -20.07 -19.11 14.30
C VAL B 131 -18.80 -18.71 13.52
N ASP B 132 -18.81 -19.02 12.22
CA ASP B 132 -17.70 -18.75 11.31
C ASP B 132 -18.01 -17.53 10.51
N VAL B 133 -17.37 -16.43 10.88
CA VAL B 133 -17.63 -15.18 10.12
C VAL B 133 -16.26 -14.58 9.66
N HIS B 134 -15.35 -15.46 9.24
CA HIS B 134 -14.02 -15.02 8.75
C HIS B 134 -14.14 -14.26 7.47
N GLY B 135 -13.09 -13.51 7.09
CA GLY B 135 -13.11 -12.69 5.88
C GLY B 135 -13.38 -11.21 6.13
N GLY B 136 -13.62 -10.43 5.06
CA GLY B 136 -13.92 -8.98 5.11
C GLY B 136 -12.61 -8.27 5.48
N TRP B 137 -12.75 -7.04 5.94
CA TRP B 137 -11.65 -6.12 6.21
C TRP B 137 -11.70 -5.58 7.62
N TYR B 138 -10.52 -5.33 8.19
CA TYR B 138 -10.43 -4.50 9.43
C TYR B 138 -11.10 -3.15 9.15
N ASP B 139 -11.81 -2.60 10.13
CA ASP B 139 -12.63 -1.45 9.82
C ASP B 139 -11.74 -0.20 9.76
N ALA B 140 -10.64 -0.17 10.49
CA ALA B 140 -9.93 1.14 10.66
C ALA B 140 -8.44 0.89 10.95
N SER B 141 -7.57 1.92 10.80
CA SER B 141 -6.13 1.73 11.09
C SER B 141 -5.87 1.44 12.55
N GLY B 142 -6.82 1.75 13.42
CA GLY B 142 -6.67 1.37 14.80
C GLY B 142 -7.74 0.37 15.27
N ASP B 143 -8.38 -0.39 14.37
CA ASP B 143 -9.46 -1.30 14.84
C ASP B 143 -9.59 -2.55 13.90
N VAL B 144 -9.35 -3.73 14.43
CA VAL B 144 -9.42 -5.01 13.70
C VAL B 144 -10.84 -5.61 13.81
N SER B 145 -11.77 -4.91 14.43
CA SER B 145 -13.18 -5.34 14.42
C SER B 145 -13.73 -5.15 13.01
N LYS B 146 -14.83 -5.87 12.69
CA LYS B 146 -15.45 -5.83 11.38
C LYS B 146 -16.92 -5.47 11.56
N TYR B 147 -17.45 -4.65 10.64
CA TYR B 147 -18.78 -4.05 10.91
C TYR B 147 -19.70 -4.04 9.67
N PHE B 148 -20.96 -4.39 9.89
CA PHE B 148 -22.02 -3.95 8.97
C PHE B 148 -22.31 -2.46 9.22
N SER B 149 -22.48 -2.11 10.49
CA SER B 149 -22.70 -0.75 10.93
C SER B 149 -22.42 -0.68 12.44
N HIS B 150 -22.54 0.49 13.03
CA HIS B 150 -22.56 0.67 14.50
C HIS B 150 -23.35 1.98 14.78
N LEU B 151 -23.32 2.45 16.05
CA LEU B 151 -24.08 3.66 16.46
C LEU B 151 -25.59 3.45 16.40
N SER B 152 -26.00 2.18 16.45
CA SER B 152 -27.43 1.87 16.19
C SER B 152 -28.32 2.48 17.28
N TYR B 153 -27.76 2.56 18.47
CA TYR B 153 -28.49 3.16 19.60
C TYR B 153 -28.90 4.63 19.40
N GLY B 154 -28.27 5.36 18.46
CA GLY B 154 -28.57 6.76 18.27
C GLY B 154 -29.63 6.87 17.19
N ASN B 155 -29.94 5.72 16.54
CA ASN B 155 -30.97 5.57 15.46
C ASN B 155 -30.71 6.32 14.15
N TYR B 156 -30.24 7.56 14.23
CA TYR B 156 -30.16 8.41 12.96
C TYR B 156 -28.76 8.50 12.35
N LEU B 157 -27.82 7.71 12.86
CA LEU B 157 -26.36 7.96 12.55
C LEU B 157 -25.68 6.70 11.99
N ASN B 158 -26.41 5.58 11.95
CA ASN B 158 -25.88 4.32 11.38
C ASN B 158 -25.12 4.56 10.03
N PRO B 159 -23.80 4.26 10.03
CA PRO B 159 -23.08 4.28 8.76
C PRO B 159 -23.10 2.91 8.09
N GLN B 160 -23.13 2.92 6.75
CA GLN B 160 -23.07 1.65 5.98
C GLN B 160 -21.55 1.37 5.84
N GLN B 161 -21.11 0.24 6.42
CA GLN B 161 -19.69 0.01 6.52
C GLN B 161 -19.23 -1.07 5.54
N THR B 162 -18.85 -2.27 5.98
CA THR B 162 -18.46 -3.29 5.03
C THR B 162 -19.41 -3.47 3.80
N PRO B 163 -20.74 -3.52 4.01
CA PRO B 163 -21.64 -3.73 2.84
C PRO B 163 -21.44 -2.62 1.85
N MET B 164 -21.22 -1.43 2.36
CA MET B 164 -21.03 -0.29 1.44
C MET B 164 -19.76 -0.44 0.60
N VAL B 165 -18.66 -0.98 1.17
CA VAL B 165 -17.47 -1.27 0.36
C VAL B 165 -17.82 -2.16 -0.81
N VAL B 166 -18.56 -3.23 -0.51
CA VAL B 166 -18.88 -4.16 -1.55
C VAL B 166 -19.75 -3.54 -2.65
N TRP B 167 -20.81 -2.86 -2.26
CA TRP B 167 -21.73 -2.28 -3.26
C TRP B 167 -20.95 -1.21 -4.09
N ASN B 168 -20.11 -0.41 -3.42
CA ASN B 168 -19.34 0.55 -4.19
C ASN B 168 -18.41 -0.08 -5.19
N MET B 169 -17.71 -1.16 -4.78
CA MET B 169 -16.81 -1.76 -5.73
C MET B 169 -17.54 -2.39 -6.92
N LEU B 170 -18.63 -3.09 -6.65
CA LEU B 170 -19.43 -3.70 -7.70
C LEU B 170 -20.02 -2.66 -8.64
N THR B 171 -20.51 -1.57 -8.08
CA THR B 171 -21.02 -0.48 -8.90
C THR B 171 -19.93 0.15 -9.78
N ALA B 172 -18.74 0.35 -9.21
CA ALA B 172 -17.57 0.83 -9.94
C ALA B 172 -17.22 -0.16 -11.05
N TYR B 173 -17.32 -1.44 -10.79
CA TYR B 173 -16.93 -2.45 -11.75
C TYR B 173 -17.85 -2.36 -12.98
N GLU B 174 -19.13 -2.16 -12.71
CA GLU B 174 -20.11 -1.90 -13.75
C GLU B 174 -19.91 -0.63 -14.56
N VAL B 175 -19.59 0.46 -13.92
CA VAL B 175 -19.30 1.70 -14.60
C VAL B 175 -18.09 1.55 -15.55
N LEU B 176 -17.10 0.74 -15.13
CA LEU B 176 -15.87 0.61 -15.89
C LEU B 176 -16.01 -0.39 -17.03
N GLU B 177 -17.10 -1.16 -17.07
CA GLU B 177 -17.29 -2.13 -18.14
C GLU B 177 -17.15 -1.54 -19.52
N ASP B 178 -17.66 -0.35 -19.77
CA ASP B 178 -17.59 0.19 -21.15
C ASP B 178 -16.36 1.08 -21.41
N GLU B 179 -15.39 1.06 -20.48
CA GLU B 179 -14.20 1.91 -20.60
C GLU B 179 -13.07 1.05 -21.21
N GLU B 180 -12.75 1.31 -22.48
CA GLU B 180 -11.75 0.55 -23.24
C GLU B 180 -10.35 0.74 -22.70
N SER B 181 -10.05 1.90 -22.14
CA SER B 181 -8.74 2.12 -21.57
C SER B 181 -8.47 1.45 -20.19
N ILE B 182 -9.47 0.84 -19.56
CA ILE B 182 -9.21 0.12 -18.33
C ILE B 182 -8.82 -1.28 -18.75
N ALA B 183 -7.76 -1.85 -18.14
CA ALA B 183 -7.25 -3.15 -18.52
C ALA B 183 -8.02 -4.27 -17.85
N ASP B 184 -8.04 -5.44 -18.48
CA ASP B 184 -8.65 -6.59 -17.84
C ASP B 184 -8.01 -6.97 -16.50
N PHE B 185 -6.69 -6.82 -16.37
CA PHE B 185 -6.06 -7.17 -15.05
C PHE B 185 -6.60 -6.26 -13.93
N THR B 186 -6.92 -5.00 -14.26
CA THR B 186 -7.60 -4.16 -13.23
C THR B 186 -8.98 -4.67 -12.86
N ARG B 187 -9.75 -5.06 -13.90
CA ARG B 187 -10.98 -5.82 -13.63
C ARG B 187 -10.81 -7.04 -12.74
N VAL B 188 -9.77 -7.88 -12.97
CA VAL B 188 -9.55 -9.04 -12.15
C VAL B 188 -9.42 -8.62 -10.70
N ARG B 189 -8.54 -7.61 -10.48
CA ARG B 189 -8.24 -7.13 -9.10
C ARG B 189 -9.54 -6.52 -8.47
N LEU B 190 -10.28 -5.70 -9.23
CA LEU B 190 -11.43 -5.02 -8.64
C LEU B 190 -12.54 -6.02 -8.24
N VAL B 191 -12.88 -6.92 -9.17
CA VAL B 191 -13.94 -7.85 -8.88
C VAL B 191 -13.47 -8.87 -7.82
N GLU B 192 -12.17 -9.12 -7.73
CA GLU B 192 -11.72 -10.00 -6.70
C GLU B 192 -12.00 -9.38 -5.29
N GLU B 193 -11.66 -8.12 -5.14
CA GLU B 193 -11.84 -7.44 -3.81
C GLU B 193 -13.38 -7.35 -3.53
N ALA B 194 -14.20 -7.08 -4.58
CA ALA B 194 -15.64 -7.04 -4.41
C ALA B 194 -16.25 -8.38 -3.99
N LEU B 195 -15.89 -9.44 -4.69
CA LEU B 195 -16.44 -10.76 -4.33
C LEU B 195 -15.83 -11.34 -3.07
N TYR B 196 -14.60 -10.92 -2.73
CA TYR B 196 -14.04 -11.25 -1.39
C TYR B 196 -15.00 -10.66 -0.30
N GLY B 197 -15.39 -9.41 -0.48
CA GLY B 197 -16.31 -8.76 0.42
C GLY B 197 -17.68 -9.50 0.35
N ALA B 198 -18.14 -9.83 -0.85
CA ALA B 198 -19.47 -10.54 -0.99
C ALA B 198 -19.47 -11.85 -0.19
N ASP B 199 -18.35 -12.58 -0.21
CA ASP B 199 -18.24 -13.83 0.50
C ASP B 199 -18.40 -13.65 2.01
N PHE B 200 -17.85 -12.54 2.54
CA PHE B 200 -18.03 -12.21 3.91
C PHE B 200 -19.48 -11.87 4.23
N LEU B 201 -20.12 -11.14 3.32
CA LEU B 201 -21.52 -10.81 3.57
C LEU B 201 -22.35 -12.13 3.71
N LEU B 202 -22.03 -13.13 2.88
CA LEU B 202 -22.65 -14.49 2.97
C LEU B 202 -22.47 -15.12 4.32
N ARG B 203 -21.24 -15.06 4.86
CA ARG B 203 -20.97 -15.66 6.14
C ARG B 203 -21.59 -14.90 7.29
N MET B 204 -21.86 -13.64 7.12
CA MET B 204 -22.50 -12.83 8.15
C MET B 204 -24.04 -13.06 8.16
N GLN B 205 -24.57 -13.91 7.28
CA GLN B 205 -26.05 -14.07 7.30
C GLN B 205 -26.37 -15.36 8.15
N HIS B 206 -27.20 -15.21 9.16
CA HIS B 206 -27.81 -16.34 9.89
C HIS B 206 -28.73 -17.18 8.98
N PRO B 207 -28.78 -18.53 9.17
CA PRO B 207 -29.81 -19.34 8.44
C PRO B 207 -31.25 -18.74 8.35
N GLN B 208 -31.72 -18.07 9.39
CA GLN B 208 -33.06 -17.41 9.41
C GLN B 208 -33.21 -16.22 8.45
N GLY B 209 -32.08 -15.55 8.22
CA GLY B 209 -31.96 -14.67 7.09
C GLY B 209 -31.46 -13.29 7.48
N TYR B 210 -31.44 -12.98 8.78
CA TYR B 210 -30.85 -11.72 9.23
C TYR B 210 -29.27 -11.77 9.16
N PHE B 211 -28.64 -10.59 9.11
CA PHE B 211 -27.16 -10.48 9.14
C PHE B 211 -26.73 -10.03 10.51
N TYR B 212 -25.59 -10.56 10.99
CA TYR B 212 -24.93 -10.01 12.15
C TYR B 212 -24.40 -8.57 11.95
N MET B 213 -24.58 -7.72 12.96
CA MET B 213 -24.15 -6.32 12.79
C MET B 213 -22.61 -6.12 12.86
N THR B 214 -21.95 -6.93 13.69
CA THR B 214 -20.58 -6.65 14.02
C THR B 214 -19.83 -7.85 14.61
N VAL B 215 -18.52 -7.93 14.36
CA VAL B 215 -17.59 -8.81 15.06
C VAL B 215 -16.66 -7.83 15.82
N PHE B 216 -16.89 -7.72 17.13
CA PHE B 216 -16.35 -6.59 17.87
C PHE B 216 -15.47 -7.06 19.04
N ASP B 217 -14.34 -6.37 19.21
CA ASP B 217 -13.36 -6.75 20.30
C ASP B 217 -13.21 -5.66 21.32
N LYS B 218 -14.16 -4.70 21.39
CA LYS B 218 -14.01 -3.61 22.35
C LYS B 218 -12.73 -2.82 22.13
N TRP B 219 -12.28 -2.74 20.87
CA TRP B 219 -11.02 -2.08 20.45
C TRP B 219 -9.76 -2.66 21.08
N SER B 220 -9.85 -3.90 21.62
CA SER B 220 -8.74 -4.51 22.40
C SER B 220 -7.59 -5.07 21.56
N LYS B 221 -7.87 -5.47 20.32
CA LYS B 221 -6.92 -6.20 19.50
C LYS B 221 -6.73 -7.62 20.01
N SER B 222 -7.57 -8.02 20.93
CA SER B 222 -7.40 -9.35 21.52
C SER B 222 -8.27 -10.36 20.73
N THR B 223 -7.76 -11.56 20.48
CA THR B 223 -8.58 -12.58 19.76
C THR B 223 -9.74 -13.15 20.63
N GLU B 224 -9.45 -13.35 21.93
CA GLU B 224 -10.45 -13.78 22.94
C GLU B 224 -11.63 -12.83 23.11
N GLN B 225 -11.43 -11.54 22.86
CA GLN B 225 -12.53 -10.56 23.03
C GLN B 225 -13.43 -10.43 21.84
N ARG B 226 -13.09 -11.02 20.67
CA ARG B 226 -13.91 -10.87 19.51
C ARG B 226 -15.26 -11.60 19.66
N GLU B 227 -16.38 -10.92 19.39
CA GLU B 227 -17.66 -11.61 19.55
C GLU B 227 -18.61 -10.95 18.62
N VAL B 228 -19.59 -11.73 18.15
CA VAL B 228 -20.71 -11.17 17.38
C VAL B 228 -21.68 -10.42 18.32
N CYS B 229 -21.93 -9.10 18.04
CA CYS B 229 -22.72 -8.33 19.01
C CYS B 229 -23.17 -7.04 18.36
N ALA B 230 -23.86 -6.18 19.12
CA ALA B 230 -23.89 -4.71 18.91
C ALA B 230 -23.23 -4.13 20.13
N PHE B 231 -22.98 -2.81 20.14
CA PHE B 231 -22.42 -2.16 21.27
C PHE B 231 -22.89 -0.68 21.27
N SER B 232 -22.76 -0.02 22.40
CA SER B 232 -23.20 1.38 22.55
C SER B 232 -22.22 2.13 23.36
N THR B 233 -22.23 3.44 23.15
CA THR B 233 -21.36 4.41 23.87
C THR B 233 -19.89 4.27 23.49
N GLN B 234 -19.12 5.27 23.90
CA GLN B 234 -17.66 5.25 23.71
C GLN B 234 -16.95 4.13 24.49
N ASP B 235 -17.61 3.60 25.52
CA ASP B 235 -17.04 2.47 26.27
C ASP B 235 -17.31 1.13 25.60
N GLY B 236 -18.14 1.09 24.58
CA GLY B 236 -18.35 -0.14 23.78
C GLY B 236 -19.05 -1.26 24.55
N HIS B 237 -20.01 -0.90 25.41
CA HIS B 237 -20.80 -1.94 26.10
C HIS B 237 -21.52 -2.81 25.11
N LYS B 238 -21.32 -4.13 25.17
CA LYS B 238 -21.89 -5.04 24.19
C LYS B 238 -23.34 -5.43 24.51
N SER B 239 -24.09 -5.83 23.52
CA SER B 239 -25.43 -6.36 23.72
C SER B 239 -25.69 -7.43 22.70
N ALA B 240 -26.73 -8.19 22.95
CA ALA B 240 -27.15 -9.27 22.03
C ALA B 240 -28.07 -8.79 20.87
N ASP B 241 -28.19 -7.47 20.69
CA ASP B 241 -28.99 -6.85 19.60
C ASP B 241 -28.28 -6.82 18.22
N TYR B 242 -27.79 -7.98 17.77
CA TYR B 242 -26.86 -8.02 16.68
C TYR B 242 -27.54 -8.25 15.35
N GLN B 243 -28.85 -8.49 15.32
CA GLN B 243 -29.60 -8.66 14.07
C GLN B 243 -29.65 -7.29 13.32
N ALA B 244 -29.20 -7.26 12.07
CA ALA B 244 -29.02 -5.96 11.45
C ALA B 244 -30.33 -5.54 10.75
N GLY B 245 -30.92 -4.44 11.15
CA GLY B 245 -32.10 -3.93 10.36
C GLY B 245 -31.64 -3.26 9.07
N PHE B 246 -32.60 -2.72 8.27
CA PHE B 246 -32.26 -2.19 6.95
C PHE B 246 -31.21 -1.07 7.06
N ARG B 247 -31.32 -0.22 8.08
CA ARG B 247 -30.45 0.92 8.22
C ARG B 247 -29.12 0.51 8.90
N GLN B 248 -29.01 -0.73 9.38
CA GLN B 248 -27.82 -1.18 10.15
C GLN B 248 -26.89 -2.05 9.26
N GLY B 249 -26.76 -1.66 7.99
CA GLY B 249 -25.89 -2.34 7.04
C GLY B 249 -26.61 -3.34 6.18
N ALA B 250 -27.70 -3.94 6.67
CA ALA B 250 -28.32 -5.07 5.96
C ALA B 250 -28.96 -4.71 4.64
N GLY B 251 -29.61 -3.53 4.56
CA GLY B 251 -30.10 -3.15 3.21
C GLY B 251 -29.00 -3.12 2.11
N VAL B 252 -27.90 -2.43 2.39
CA VAL B 252 -26.83 -2.34 1.40
C VAL B 252 -26.17 -3.75 1.22
N ALA B 253 -26.19 -4.57 2.24
CA ALA B 253 -25.54 -5.91 2.03
C ALA B 253 -26.41 -6.68 1.03
N ILE B 254 -27.74 -6.63 1.24
CA ILE B 254 -28.67 -7.26 0.25
C ILE B 254 -28.46 -6.65 -1.15
N ALA B 255 -28.32 -5.31 -1.25
CA ALA B 255 -28.05 -4.65 -2.55
C ALA B 255 -26.79 -5.21 -3.19
N ALA B 256 -25.72 -5.34 -2.38
CA ALA B 256 -24.42 -5.82 -2.85
C ALA B 256 -24.53 -7.25 -3.33
N LEU B 257 -25.17 -8.13 -2.54
CA LEU B 257 -25.34 -9.55 -2.94
C LEU B 257 -26.08 -9.72 -4.22
N ALA B 258 -27.18 -8.95 -4.34
CA ALA B 258 -27.93 -8.97 -5.59
C ALA B 258 -27.09 -8.47 -6.80
N ALA B 259 -26.29 -7.42 -6.59
CA ALA B 259 -25.45 -6.93 -7.70
C ALA B 259 -24.41 -7.95 -8.09
N ALA B 260 -23.84 -8.61 -7.07
CA ALA B 260 -22.82 -9.63 -7.33
C ALA B 260 -23.36 -10.78 -8.19
N SER B 261 -24.63 -11.14 -7.98
CA SER B 261 -25.24 -12.28 -8.71
C SER B 261 -25.35 -12.04 -10.22
N ARG B 262 -25.26 -10.79 -10.61
CA ARG B 262 -25.49 -10.26 -11.93
C ARG B 262 -24.25 -10.14 -12.83
N LEU B 263 -23.07 -10.50 -12.28
CA LEU B 263 -21.82 -10.26 -12.98
C LEU B 263 -21.71 -10.92 -14.34
N SER B 264 -22.32 -12.11 -14.47
CA SER B 264 -22.21 -12.89 -15.73
C SER B 264 -22.93 -12.19 -16.86
N ASN B 265 -23.77 -11.18 -16.55
CA ASN B 265 -24.32 -10.34 -17.62
C ASN B 265 -23.34 -9.44 -18.27
N LEU B 266 -22.13 -9.29 -17.68
CA LEU B 266 -21.14 -8.31 -18.21
C LEU B 266 -20.16 -9.09 -19.04
N ALA B 267 -19.83 -8.56 -20.21
CA ALA B 267 -18.96 -9.34 -21.12
C ALA B 267 -17.58 -9.64 -20.48
N SER B 268 -17.02 -8.71 -19.68
CA SER B 268 -15.66 -8.98 -19.09
C SER B 268 -15.60 -10.22 -18.24
N THR B 269 -16.70 -10.57 -17.57
CA THR B 269 -16.74 -11.70 -16.65
C THR B 269 -16.42 -13.06 -17.35
N SER B 270 -16.84 -13.23 -18.62
CA SER B 270 -16.46 -14.50 -19.30
C SER B 270 -15.14 -14.36 -20.03
N ARG B 271 -14.59 -13.14 -20.13
CA ARG B 271 -13.40 -12.89 -20.86
C ARG B 271 -12.13 -13.06 -19.98
N ILE B 272 -12.23 -12.63 -18.73
CA ILE B 272 -11.08 -12.58 -17.82
C ILE B 272 -10.80 -13.99 -17.33
N PRO B 273 -9.59 -14.22 -16.76
CA PRO B 273 -9.24 -15.56 -16.24
C PRO B 273 -10.20 -16.04 -15.14
N GLN B 274 -10.39 -17.33 -15.01
CA GLN B 274 -11.34 -17.81 -13.99
C GLN B 274 -10.86 -19.06 -13.26
N CYS B 275 -11.46 -19.30 -12.09
CA CYS B 275 -11.27 -20.52 -11.37
C CYS B 275 -12.46 -20.65 -10.40
N GLY B 276 -12.95 -21.88 -10.16
CA GLY B 276 -13.81 -22.21 -8.97
C GLY B 276 -15.31 -22.22 -9.20
N LYS B 279 -20.28 -18.23 -7.72
CA LYS B 279 -21.35 -18.54 -6.77
C LYS B 279 -22.64 -17.59 -6.94
N ALA B 280 -22.91 -17.15 -8.18
CA ALA B 280 -24.01 -16.20 -8.52
C ALA B 280 -25.36 -16.56 -7.90
N ASP B 281 -25.81 -17.84 -8.06
CA ASP B 281 -27.13 -18.20 -7.43
C ASP B 281 -27.08 -18.14 -5.93
N THR B 282 -25.95 -18.54 -5.32
CA THR B 282 -25.86 -18.39 -3.89
C THR B 282 -26.03 -16.92 -3.45
N TYR B 283 -25.40 -15.97 -4.15
CA TYR B 283 -25.51 -14.58 -3.75
C TYR B 283 -26.98 -14.13 -3.89
N LEU B 284 -27.59 -14.46 -5.03
CA LEU B 284 -28.92 -13.97 -5.27
C LEU B 284 -29.93 -14.59 -4.21
N GLU B 285 -29.79 -15.89 -3.93
CA GLU B 285 -30.63 -16.50 -2.91
C GLU B 285 -30.45 -15.86 -1.56
N ALA B 286 -29.20 -15.56 -1.15
CA ALA B 286 -29.02 -14.86 0.11
C ALA B 286 -29.71 -13.50 0.11
N ALA B 287 -29.50 -12.71 -0.94
CA ALA B 287 -30.12 -11.33 -1.05
C ALA B 287 -31.66 -11.44 -0.86
N LYS B 288 -32.27 -12.37 -1.61
CA LYS B 288 -33.77 -12.49 -1.57
C LYS B 288 -34.20 -12.85 -0.17
N LYS B 289 -33.50 -13.83 0.42
CA LYS B 289 -33.82 -14.33 1.75
C LYS B 289 -33.69 -13.26 2.78
N GLY B 290 -32.64 -12.45 2.65
CA GLY B 290 -32.36 -11.40 3.62
C GLY B 290 -33.43 -10.34 3.45
N TYR B 291 -33.79 -10.05 2.19
CA TYR B 291 -34.79 -9.03 1.90
C TYR B 291 -36.15 -9.37 2.53
N TRP B 292 -36.69 -10.52 2.12
CA TRP B 292 -38.01 -10.95 2.58
C TRP B 292 -37.99 -11.16 4.08
N HIS B 293 -36.88 -11.70 4.68
CA HIS B 293 -36.72 -11.67 6.14
C HIS B 293 -36.94 -10.33 6.80
N LEU B 294 -36.31 -9.27 6.27
CA LEU B 294 -36.43 -8.01 6.97
C LEU B 294 -37.81 -7.38 6.65
N LYS B 295 -38.44 -7.74 5.53
CA LYS B 295 -39.85 -7.23 5.31
C LYS B 295 -40.81 -7.83 6.37
N GLU B 296 -40.37 -8.92 6.97
CA GLU B 296 -41.02 -9.47 8.13
C GLU B 296 -40.54 -8.95 9.47
N MET B 297 -39.25 -8.69 9.67
CA MET B 297 -38.67 -8.47 11.02
C MET B 297 -38.10 -7.07 11.29
N ASN B 298 -37.94 -6.27 10.23
CA ASN B 298 -37.18 -4.99 10.39
C ASN B 298 -37.42 -4.22 11.68
N HIS B 299 -38.67 -3.82 11.93
CA HIS B 299 -39.02 -2.95 13.09
C HIS B 299 -38.49 -3.51 14.42
N GLN B 300 -38.45 -4.85 14.54
CA GLN B 300 -37.94 -5.49 15.75
C GLN B 300 -36.41 -5.35 15.98
N TYR B 301 -35.65 -5.07 14.90
CA TYR B 301 -34.21 -4.94 14.96
C TYR B 301 -33.81 -3.50 15.15
N LEU B 302 -34.78 -2.57 15.12
CA LEU B 302 -34.46 -1.16 15.23
C LEU B 302 -34.52 -0.69 16.66
N ASP B 303 -33.53 0.08 17.10
CA ASP B 303 -33.48 0.49 18.50
C ASP B 303 -34.68 1.29 19.03
N ASN B 304 -35.23 2.18 18.23
CA ASN B 304 -36.51 2.87 18.61
C ASN B 304 -37.73 2.31 17.92
N GLY B 305 -37.56 1.14 17.30
CA GLY B 305 -38.61 0.44 16.53
C GLY B 305 -39.24 1.19 15.41
N LYS B 306 -38.64 2.34 14.99
CA LYS B 306 -39.23 3.19 13.92
C LYS B 306 -38.26 3.36 12.72
N GLU B 307 -38.71 3.02 11.53
CA GLU B 307 -37.85 3.17 10.34
C GLU B 307 -37.62 4.65 10.07
N ASN B 308 -36.53 5.00 9.39
CA ASN B 308 -36.27 6.44 9.13
C ASN B 308 -35.65 6.49 7.72
N ILE B 309 -35.18 7.68 7.32
CA ILE B 309 -34.65 7.90 5.98
C ILE B 309 -33.56 6.85 5.67
N ILE B 310 -32.71 6.61 6.65
CA ILE B 310 -31.63 5.60 6.37
C ILE B 310 -32.19 4.20 5.98
N ASP B 311 -33.21 3.68 6.69
CA ASP B 311 -33.80 2.39 6.22
C ASP B 311 -34.26 2.48 4.83
N GLU B 312 -34.83 3.68 4.52
CA GLU B 312 -35.52 3.82 3.23
C GLU B 312 -34.53 3.86 2.03
N TYR B 313 -33.48 4.66 2.16
CA TYR B 313 -32.45 4.59 1.08
C TYR B 313 -31.72 3.21 1.00
N CYS B 314 -31.52 2.52 2.12
CA CYS B 314 -30.79 1.22 2.07
C CYS B 314 -31.74 0.17 1.47
N ALA B 315 -33.02 0.19 1.90
CA ALA B 315 -33.99 -0.77 1.29
C ALA B 315 -34.31 -0.48 -0.20
N LEU B 316 -34.24 0.81 -0.58
CA LEU B 316 -34.44 1.19 -1.98
C LEU B 316 -33.32 0.57 -2.80
N LEU B 317 -32.08 0.76 -2.31
CA LEU B 317 -30.95 0.07 -2.97
C LEU B 317 -31.14 -1.40 -3.07
N ALA B 318 -31.58 -2.03 -1.98
CA ALA B 318 -31.78 -3.53 -2.00
C ALA B 318 -32.76 -3.96 -3.05
N SER B 319 -33.90 -3.25 -3.05
CA SER B 319 -35.04 -3.67 -3.91
C SER B 319 -34.77 -3.35 -5.36
N VAL B 320 -34.13 -2.22 -5.63
CA VAL B 320 -33.71 -1.90 -6.98
C VAL B 320 -32.76 -2.93 -7.53
N GLU B 321 -31.71 -3.30 -6.76
CA GLU B 321 -30.78 -4.36 -7.25
C GLU B 321 -31.47 -5.69 -7.44
N LEU B 322 -32.28 -6.05 -6.47
CA LEU B 322 -33.02 -7.29 -6.60
C LEU B 322 -33.93 -7.25 -7.88
N TYR B 323 -34.53 -6.09 -8.16
CA TYR B 323 -35.33 -6.00 -9.47
C TYR B 323 -34.39 -6.20 -10.69
N ARG B 324 -33.21 -5.57 -10.68
CA ARG B 324 -32.30 -5.77 -11.86
C ARG B 324 -31.80 -7.20 -12.01
N SER B 325 -31.55 -7.89 -10.89
CA SER B 325 -31.08 -9.26 -10.97
C SER B 325 -32.15 -10.34 -11.22
N THR B 326 -33.41 -10.01 -11.04
CA THR B 326 -34.47 -11.06 -11.14
C THR B 326 -35.51 -10.74 -12.23
N GLN B 327 -35.71 -9.47 -12.51
CA GLN B 327 -36.76 -8.96 -13.41
C GLN B 327 -38.16 -9.27 -12.86
N GLU B 328 -38.25 -9.68 -11.60
CA GLU B 328 -39.54 -9.98 -10.97
C GLU B 328 -40.29 -8.75 -10.61
N ASN B 329 -41.56 -8.74 -11.00
CA ASN B 329 -42.36 -7.58 -10.70
C ASN B 329 -42.53 -7.14 -9.26
N ASN B 330 -42.63 -8.10 -8.36
CA ASN B 330 -42.78 -7.70 -6.95
C ASN B 330 -41.61 -6.82 -6.50
N PHE B 331 -40.39 -7.09 -7.01
CA PHE B 331 -39.27 -6.21 -6.66
C PHE B 331 -39.37 -4.81 -7.25
N LEU B 332 -39.89 -4.65 -8.45
CA LEU B 332 -40.23 -3.29 -8.93
C LEU B 332 -41.26 -2.65 -8.02
N ALA B 333 -42.32 -3.39 -7.68
CA ALA B 333 -43.31 -2.86 -6.69
C ALA B 333 -42.65 -2.46 -5.38
N GLU B 334 -41.74 -3.30 -4.84
CA GLU B 334 -41.00 -2.91 -3.61
C GLU B 334 -40.20 -1.60 -3.76
N ALA B 335 -39.53 -1.42 -4.92
CA ALA B 335 -38.65 -0.25 -5.11
C ALA B 335 -39.56 0.96 -5.13
N ARG B 336 -40.71 0.84 -5.79
CA ARG B 336 -41.60 2.02 -5.88
C ARG B 336 -42.05 2.44 -4.48
N MET B 337 -42.41 1.45 -3.70
CA MET B 337 -42.79 1.72 -2.35
C MET B 337 -41.69 2.39 -1.54
N TRP B 338 -40.46 1.85 -1.63
CA TRP B 338 -39.40 2.57 -0.90
C TRP B 338 -39.09 3.95 -1.51
N ALA B 339 -39.15 4.05 -2.83
CA ALA B 339 -38.85 5.31 -3.49
C ALA B 339 -39.90 6.36 -2.99
N ASP B 340 -41.17 5.95 -2.92
CA ASP B 340 -42.23 6.88 -2.39
C ASP B 340 -41.96 7.28 -0.96
N LYS B 341 -41.54 6.32 -0.11
CA LYS B 341 -41.16 6.70 1.25
C LYS B 341 -40.00 7.64 1.30
N LEU B 342 -38.93 7.30 0.55
CA LEU B 342 -37.76 8.18 0.51
C LEU B 342 -38.12 9.62 0.06
N MET B 343 -38.88 9.71 -1.04
CA MET B 343 -39.26 11.05 -1.59
C MET B 343 -40.00 11.87 -0.58
N ALA B 344 -40.84 11.20 0.23
CA ALA B 344 -41.60 11.93 1.24
C ALA B 344 -40.72 12.53 2.38
N ARG B 345 -39.43 12.16 2.46
CA ARG B 345 -38.53 12.75 3.45
C ARG B 345 -38.03 14.14 3.03
N GLN B 346 -38.21 14.52 1.77
CA GLN B 346 -37.82 15.87 1.33
C GLN B 346 -38.96 16.82 1.80
N MET B 347 -38.60 17.80 2.62
CA MET B 347 -39.53 18.65 3.36
C MET B 347 -39.01 20.07 3.24
N SER B 348 -39.86 21.05 3.55
CA SER B 348 -39.39 22.44 3.61
C SER B 348 -39.81 22.97 4.94
N ASP B 349 -39.09 23.95 5.46
CA ASP B 349 -39.42 24.62 6.69
C ASP B 349 -39.03 26.11 6.54
N HIS B 350 -39.00 26.89 7.65
CA HIS B 350 -38.63 28.31 7.61
C HIS B 350 -37.19 28.58 7.17
N ASN B 351 -36.33 27.56 7.14
CA ASN B 351 -34.92 27.74 6.82
C ASN B 351 -34.56 27.30 5.41
N PHE B 352 -35.06 26.15 4.99
CA PHE B 352 -34.77 25.63 3.66
C PHE B 352 -35.94 25.00 2.99
N ALA B 353 -36.02 25.23 1.70
CA ALA B 353 -36.82 24.41 0.81
C ALA B 353 -36.01 23.12 0.53
N HIS B 354 -36.73 21.99 0.59
CA HIS B 354 -36.35 20.77 -0.01
C HIS B 354 -35.12 20.17 0.70
N TYR B 355 -34.97 20.43 2.02
CA TYR B 355 -34.01 19.65 2.88
C TYR B 355 -34.46 18.19 3.10
N TRP B 356 -33.54 17.33 3.57
CA TRP B 356 -33.88 15.96 3.81
C TRP B 356 -34.20 15.81 5.27
N ALA B 357 -35.37 15.20 5.58
CA ALA B 357 -35.78 14.97 6.95
C ALA B 357 -35.34 13.54 7.36
N ALA B 358 -34.84 13.39 8.58
CA ALA B 358 -34.50 12.07 9.10
C ALA B 358 -35.77 11.42 9.69
N ASN B 359 -36.56 12.19 10.47
CA ASN B 359 -37.85 11.67 11.06
C ASN B 359 -39.11 12.15 10.32
N ASP B 360 -40.27 11.73 10.82
CA ASP B 360 -41.53 11.90 10.09
C ASP B 360 -41.99 13.34 9.88
N ASP B 361 -41.78 14.17 10.87
CA ASP B 361 -42.31 15.52 10.79
C ASP B 361 -41.24 16.48 10.34
N GLY B 362 -40.02 15.99 10.18
CA GLY B 362 -38.93 16.88 9.81
C GLY B 362 -38.37 17.76 10.89
N SER B 363 -38.68 17.51 12.15
CA SER B 363 -38.06 18.27 13.21
C SER B 363 -36.58 17.87 13.40
N ARG B 364 -36.20 16.69 12.94
CA ARG B 364 -34.75 16.33 12.94
C ARG B 364 -34.26 16.16 11.50
N PRO B 365 -33.44 17.10 10.99
CA PRO B 365 -32.98 16.96 9.58
C PRO B 365 -32.00 15.77 9.44
N TYR B 366 -31.88 15.20 8.24
CA TYR B 366 -30.91 14.18 7.95
C TYR B 366 -29.55 14.88 7.69
N PHE B 367 -28.48 14.37 8.31
CA PHE B 367 -27.14 14.82 7.99
C PHE B 367 -26.32 13.58 8.30
N HIS B 368 -25.19 13.41 7.64
CA HIS B 368 -24.53 12.09 7.81
C HIS B 368 -23.08 12.19 7.37
N ALA B 369 -22.25 11.90 8.35
CA ALA B 369 -20.77 11.98 8.23
C ALA B 369 -20.12 10.92 7.33
N ALA B 370 -20.91 9.92 6.94
CA ALA B 370 -20.35 8.87 6.08
C ALA B 370 -20.96 8.86 4.72
N GLU B 371 -22.19 9.37 4.57
CA GLU B 371 -22.94 8.97 3.38
C GLU B 371 -24.09 9.87 2.96
N ALA B 372 -23.90 11.16 3.14
CA ALA B 372 -25.03 12.14 2.91
C ALA B 372 -25.49 12.19 1.47
N GLY B 373 -24.64 11.70 0.53
CA GLY B 373 -25.05 11.56 -0.87
C GLY B 373 -26.04 10.43 -1.13
N LEU B 374 -26.25 9.49 -0.18
CA LEU B 374 -27.09 8.28 -0.43
C LEU B 374 -28.59 8.53 -0.74
N PRO B 375 -29.26 9.44 -0.02
CA PRO B 375 -30.67 9.69 -0.50
C PRO B 375 -30.77 9.93 -1.99
N ALA B 376 -29.94 10.83 -2.50
CA ALA B 376 -29.95 11.10 -3.93
C ALA B 376 -29.46 9.98 -4.79
N ILE B 377 -28.36 9.30 -4.35
CA ILE B 377 -27.88 8.19 -5.10
C ILE B 377 -28.94 7.12 -5.25
N ALA B 378 -29.68 6.81 -4.17
CA ALA B 378 -30.56 5.66 -4.21
C ALA B 378 -31.75 6.04 -5.22
N LEU B 379 -32.13 7.33 -5.25
CA LEU B 379 -33.20 7.76 -6.20
C LEU B 379 -32.71 7.63 -7.63
N MET B 380 -31.42 7.94 -7.87
CA MET B 380 -30.84 7.82 -9.22
C MET B 380 -30.78 6.34 -9.63
N GLN B 381 -30.54 5.46 -8.67
CA GLN B 381 -30.49 4.01 -8.96
C GLN B 381 -31.90 3.52 -9.39
N TYR B 382 -32.87 4.01 -8.64
CA TYR B 382 -34.29 3.73 -8.83
C TYR B 382 -34.68 4.31 -10.23
N LEU B 383 -34.19 5.51 -10.54
CA LEU B 383 -34.45 6.09 -11.89
C LEU B 383 -33.98 5.29 -13.09
N GLN B 384 -33.01 4.42 -12.92
CA GLN B 384 -32.56 3.56 -14.01
C GLN B 384 -33.55 2.44 -14.28
N ILE B 385 -34.40 2.13 -13.31
CA ILE B 385 -35.30 0.99 -13.48
C ILE B 385 -36.79 1.44 -13.69
N GLU B 386 -37.12 2.67 -13.34
CA GLU B 386 -38.51 3.14 -13.42
C GLU B 386 -38.95 3.40 -14.88
N THR B 387 -39.75 2.52 -15.46
CA THR B 387 -40.29 2.70 -16.84
C THR B 387 -41.56 3.51 -16.93
N HIS B 388 -42.19 3.76 -15.81
CA HIS B 388 -43.45 4.47 -15.76
C HIS B 388 -43.15 5.94 -15.76
N ALA B 389 -43.56 6.60 -16.85
CA ALA B 389 -43.28 7.99 -17.17
C ALA B 389 -43.67 9.01 -16.09
N GLN B 390 -44.85 8.86 -15.50
CA GLN B 390 -45.29 9.90 -14.53
C GLN B 390 -44.56 9.74 -13.14
N ARG B 391 -44.35 8.49 -12.72
CA ARG B 391 -43.50 8.18 -11.54
C ARG B 391 -42.10 8.71 -11.79
N ALA B 392 -41.51 8.41 -12.98
CA ALA B 392 -40.15 8.91 -13.31
C ALA B 392 -40.10 10.42 -13.23
N GLU B 393 -41.14 11.06 -13.76
CA GLU B 393 -41.17 12.47 -13.77
C GLU B 393 -41.26 13.08 -12.38
N GLN B 394 -42.12 12.56 -11.51
CA GLN B 394 -42.23 13.05 -10.14
C GLN B 394 -40.91 12.85 -9.39
N CYS B 395 -40.30 11.69 -9.61
CA CYS B 395 -39.01 11.33 -8.94
C CYS B 395 -37.92 12.33 -9.38
N GLN B 396 -37.82 12.59 -10.70
CA GLN B 396 -36.83 13.54 -11.23
C GLN B 396 -36.90 14.86 -10.58
N SER B 397 -38.13 15.35 -10.30
CA SER B 397 -38.24 16.65 -9.67
C SER B 397 -37.78 16.64 -8.23
N VAL B 398 -38.12 15.60 -7.48
CA VAL B 398 -37.61 15.52 -6.08
C VAL B 398 -36.07 15.42 -6.18
N LEU B 399 -35.58 14.65 -7.14
CA LEU B 399 -34.06 14.54 -7.20
C LEU B 399 -33.44 15.91 -7.56
N LEU B 400 -34.07 16.62 -8.53
CA LEU B 400 -33.60 17.99 -8.84
C LEU B 400 -33.65 18.88 -7.62
N ASN B 401 -34.70 18.80 -6.80
CA ASN B 401 -34.80 19.70 -5.62
C ASN B 401 -33.70 19.33 -4.63
N ALA B 402 -33.43 18.02 -4.50
CA ALA B 402 -32.32 17.60 -3.56
C ALA B 402 -30.95 18.11 -4.01
N LEU B 403 -30.67 17.94 -5.30
CA LEU B 403 -29.41 18.47 -5.82
C LEU B 403 -29.27 19.97 -5.68
N ASN B 404 -30.33 20.73 -5.98
CA ASN B 404 -30.35 22.14 -5.65
C ASN B 404 -30.18 22.49 -4.23
N PHE B 405 -30.69 21.63 -3.33
CA PHE B 405 -30.55 21.90 -1.91
C PHE B 405 -29.08 21.84 -1.50
N GLU B 406 -28.38 20.83 -2.01
CA GLU B 406 -26.97 20.65 -1.63
C GLU B 406 -26.15 21.89 -2.14
N LEU B 407 -26.35 22.25 -3.41
CA LEU B 407 -25.60 23.44 -3.97
C LEU B 407 -25.94 24.70 -3.21
N SER B 408 -27.25 24.83 -2.97
CA SER B 408 -27.81 26.02 -2.34
C SER B 408 -27.33 26.20 -0.90
N ILE B 409 -27.36 25.15 -0.10
CA ILE B 409 -26.85 25.29 1.27
C ILE B 409 -25.33 25.50 1.33
N THR B 410 -24.65 24.89 0.33
CA THR B 410 -23.18 24.98 0.28
C THR B 410 -22.79 26.48 0.03
N HIS B 411 -23.60 27.16 -0.79
CA HIS B 411 -23.35 28.60 -1.13
C HIS B 411 -24.12 29.65 -0.36
N GLU B 412 -24.94 29.22 0.60
CA GLU B 412 -25.65 30.10 1.51
C GLU B 412 -24.72 31.14 2.15
N VAL B 413 -23.45 30.77 2.44
CA VAL B 413 -22.51 31.54 3.28
C VAL B 413 -21.13 31.59 2.56
N ASN B 414 -20.23 32.48 2.98
CA ASN B 414 -18.90 32.60 2.32
C ASN B 414 -18.24 31.23 2.47
N ASN B 415 -17.83 30.69 1.33
CA ASN B 415 -17.33 29.30 1.35
C ASN B 415 -16.37 29.14 0.14
N PRO B 416 -15.22 29.81 0.20
CA PRO B 416 -14.23 29.80 -0.88
C PRO B 416 -13.76 28.35 -1.21
N PHE B 417 -13.62 27.56 -0.17
CA PHE B 417 -13.25 26.15 -0.42
C PHE B 417 -14.35 25.30 -1.01
N GLY B 418 -15.60 25.79 -1.03
CA GLY B 418 -16.77 25.01 -1.50
C GLY B 418 -16.99 23.69 -0.68
N TYR B 419 -16.59 23.70 0.59
CA TYR B 419 -16.92 22.61 1.54
C TYR B 419 -18.43 22.36 1.57
N PRO B 420 -18.81 21.07 1.41
CA PRO B 420 -20.23 20.78 1.24
C PRO B 420 -20.97 21.01 2.58
N ARG B 421 -21.93 21.95 2.59
CA ARG B 421 -22.61 22.28 3.88
C ARG B 421 -23.80 21.37 4.11
N GLN B 422 -24.46 21.50 5.28
CA GLN B 422 -25.47 20.55 5.67
C GLN B 422 -26.41 21.17 6.68
N TYR B 423 -27.57 20.55 6.80
CA TYR B 423 -28.65 21.06 7.70
C TYR B 423 -28.68 20.11 8.88
N THR B 424 -28.27 20.60 10.06
CA THR B 424 -28.12 19.72 11.20
C THR B 424 -28.93 20.17 12.40
N LYS B 425 -28.97 19.34 13.43
CA LYS B 425 -29.59 19.74 14.74
C LYS B 425 -28.87 18.99 15.83
N ALA B 426 -28.37 19.71 16.83
CA ALA B 426 -27.87 19.13 18.08
C ALA B 426 -29.07 18.68 18.94
N VAL B 427 -28.84 17.73 19.83
CA VAL B 427 -29.88 17.18 20.70
C VAL B 427 -30.61 18.26 21.58
N ASN B 428 -29.84 19.21 22.13
CA ASN B 428 -30.38 20.37 22.90
C ASN B 428 -30.39 21.69 22.09
N GLY B 429 -30.40 21.64 20.74
CA GLY B 429 -30.28 22.82 19.88
C GLY B 429 -31.36 22.86 18.84
N ASP B 430 -31.40 23.94 18.03
CA ASP B 430 -32.36 24.09 16.92
C ASP B 430 -31.71 23.78 15.58
N LYS B 431 -32.54 23.47 14.57
CA LYS B 431 -32.13 23.21 13.22
C LYS B 431 -31.32 24.40 12.71
N GLN B 432 -30.16 24.12 12.13
CA GLN B 432 -29.29 25.18 11.58
C GLN B 432 -28.39 24.61 10.47
N SER B 433 -27.98 25.47 9.53
CA SER B 433 -26.98 25.05 8.51
C SER B 433 -25.61 25.10 9.21
N ALA B 434 -24.66 24.28 8.75
CA ALA B 434 -23.31 24.26 9.36
C ALA B 434 -22.37 23.74 8.28
N PHE B 435 -21.08 23.84 8.53
CA PHE B 435 -20.11 23.10 7.66
C PHE B 435 -20.05 21.62 8.05
N PHE B 436 -19.83 21.43 9.35
CA PHE B 436 -19.51 20.12 9.95
C PHE B 436 -20.67 19.56 10.83
N MET B 437 -20.70 18.23 11.00
CA MET B 437 -21.71 17.61 11.77
C MET B 437 -21.70 18.12 13.22
N PRO B 438 -22.90 18.10 13.89
CA PRO B 438 -22.90 18.58 15.31
C PRO B 438 -22.21 17.62 16.31
N HIS B 439 -21.59 18.17 17.35
CA HIS B 439 -20.89 17.31 18.32
C HIS B 439 -21.82 16.74 19.41
N ASP B 440 -22.88 17.50 19.73
CA ASP B 440 -23.98 17.00 20.60
C ASP B 440 -25.07 16.30 19.83
N ASN B 441 -24.95 14.99 19.68
CA ASN B 441 -25.90 14.29 18.85
C ASN B 441 -26.37 13.08 19.66
N GLU B 442 -27.27 12.27 19.10
CA GLU B 442 -27.89 11.14 19.78
C GLU B 442 -26.88 10.10 20.26
N THR B 443 -25.64 10.06 19.74
CA THR B 443 -24.66 9.06 20.31
C THR B 443 -24.10 9.46 21.65
N GLY B 444 -24.18 10.77 21.98
CA GLY B 444 -23.52 11.27 23.18
C GLY B 444 -21.98 11.30 23.13
N TYR B 445 -21.32 11.06 21.98
CA TYR B 445 -19.84 11.22 21.93
C TYR B 445 -19.22 11.34 20.49
N TRP B 446 -19.95 10.80 19.52
CA TRP B 446 -19.26 10.39 18.26
C TRP B 446 -19.33 11.56 17.30
N TRP B 447 -18.19 11.92 16.72
CA TRP B 447 -18.16 12.88 15.59
C TRP B 447 -16.77 12.83 15.06
N GLN B 448 -16.59 13.03 13.75
CA GLN B 448 -15.21 12.88 13.23
C GLN B 448 -15.14 13.54 11.87
N GLY B 449 -13.94 13.57 11.29
CA GLY B 449 -13.82 14.04 9.90
C GLY B 449 -14.77 13.32 8.96
N GLU B 450 -15.14 14.00 7.88
CA GLU B 450 -16.25 13.57 7.06
C GLU B 450 -15.85 13.16 5.64
N ASN B 451 -14.64 12.63 5.47
CA ASN B 451 -14.21 12.29 4.07
C ASN B 451 -15.18 11.35 3.30
N ALA B 452 -15.78 10.36 3.98
CA ALA B 452 -16.63 9.43 3.24
C ALA B 452 -17.90 10.21 2.76
N ARG B 453 -18.39 11.07 3.64
CA ARG B 453 -19.59 11.91 3.27
C ARG B 453 -19.23 12.71 2.03
N ILE B 454 -18.08 13.37 2.06
CA ILE B 454 -17.57 14.23 0.97
C ILE B 454 -17.50 13.44 -0.30
N ALA B 455 -16.89 12.26 -0.24
CA ALA B 455 -16.84 11.45 -1.45
C ALA B 455 -18.21 10.88 -1.85
N SER B 456 -19.14 10.63 -0.89
CA SER B 456 -20.50 10.15 -1.36
C SER B 456 -21.20 11.35 -2.08
N LEU B 457 -20.89 12.57 -1.69
CA LEU B 457 -21.55 13.74 -2.37
C LEU B 457 -20.89 14.01 -3.78
N ILE B 458 -19.58 13.71 -3.88
CA ILE B 458 -18.88 13.71 -5.18
C ILE B 458 -19.58 12.69 -6.08
N THR B 459 -19.83 11.48 -5.54
CA THR B 459 -20.38 10.36 -6.29
C THR B 459 -21.77 10.85 -6.78
N MET B 460 -22.57 11.38 -5.85
CA MET B 460 -23.89 12.00 -6.21
C MET B 460 -23.83 13.03 -7.35
N ALA B 461 -22.98 14.03 -7.21
CA ALA B 461 -22.77 15.05 -8.24
C ALA B 461 -22.43 14.49 -9.66
N TYR B 462 -21.59 13.45 -9.75
CA TYR B 462 -21.24 12.87 -11.04
C TYR B 462 -22.32 11.92 -11.55
N MET B 463 -22.91 11.11 -10.64
CA MET B 463 -24.03 10.28 -11.05
C MET B 463 -25.20 11.10 -11.70
N ALA B 464 -25.36 12.33 -11.23
CA ALA B 464 -26.48 13.19 -11.64
C ALA B 464 -26.32 13.51 -13.11
N GLN B 465 -25.08 13.45 -13.61
CA GLN B 465 -24.74 13.95 -14.98
C GLN B 465 -25.45 13.15 -16.01
N ASN B 466 -25.63 11.87 -15.70
CA ASN B 466 -26.31 10.96 -16.56
C ASN B 466 -27.84 10.87 -16.25
N THR B 467 -28.29 11.47 -15.16
CA THR B 467 -29.67 11.22 -14.72
C THR B 467 -30.58 12.41 -15.02
N ILE B 468 -30.12 13.59 -14.70
CA ILE B 468 -31.05 14.71 -14.73
C ILE B 468 -31.07 15.30 -16.11
N ASN B 469 -31.92 16.32 -16.33
CA ASN B 469 -31.96 17.02 -17.61
C ASN B 469 -31.54 18.47 -17.61
N ASP B 470 -31.42 19.07 -16.44
CA ASP B 470 -31.16 20.48 -16.29
C ASP B 470 -29.66 20.76 -16.46
N ASN B 471 -29.30 21.32 -17.62
CA ASN B 471 -27.89 21.63 -17.91
C ASN B 471 -27.19 22.66 -17.00
N GLU B 472 -27.92 23.65 -16.48
CA GLU B 472 -27.32 24.54 -15.48
C GLU B 472 -26.96 23.83 -14.10
N ILE B 473 -27.86 22.94 -13.66
CA ILE B 473 -27.58 22.22 -12.44
C ILE B 473 -26.42 21.22 -12.70
N LYS B 474 -26.44 20.54 -13.87
CA LYS B 474 -25.39 19.58 -14.25
C LYS B 474 -24.09 20.31 -14.14
N SER B 475 -24.07 21.51 -14.71
CA SER B 475 -22.90 22.37 -14.68
C SER B 475 -22.39 22.76 -13.31
N GLN B 476 -23.30 23.19 -12.43
CA GLN B 476 -22.90 23.58 -11.08
C GLN B 476 -22.46 22.32 -10.29
N LEU B 477 -23.09 21.17 -10.58
CA LEU B 477 -22.68 19.89 -9.91
C LEU B 477 -21.21 19.50 -10.24
N MET B 478 -20.78 19.67 -11.49
CA MET B 478 -19.41 19.34 -11.92
C MET B 478 -18.43 20.16 -11.17
N ILE B 479 -18.77 21.41 -11.00
CA ILE B 479 -17.90 22.31 -10.24
C ILE B 479 -17.83 21.95 -8.73
N TYR B 480 -19.02 21.66 -8.17
CA TYR B 480 -19.14 21.29 -6.76
C TYR B 480 -18.33 19.98 -6.58
N ALA B 481 -18.45 19.05 -7.53
CA ALA B 481 -17.78 17.74 -7.42
C ALA B 481 -16.24 17.94 -7.39
N HIS B 482 -15.71 18.82 -8.29
CA HIS B 482 -14.26 18.99 -8.32
C HIS B 482 -13.76 19.73 -7.11
N ARG B 483 -14.52 20.63 -6.57
CA ARG B 483 -14.09 21.29 -5.32
C ARG B 483 -14.09 20.39 -4.13
N LEU B 484 -15.07 19.49 -4.05
CA LEU B 484 -15.04 18.61 -2.90
C LEU B 484 -13.88 17.64 -3.06
N THR B 485 -13.65 17.13 -4.28
CA THR B 485 -12.41 16.32 -4.56
C THR B 485 -11.15 17.05 -4.10
N ASP B 486 -11.02 18.34 -4.50
CA ASP B 486 -9.85 19.10 -4.06
C ASP B 486 -9.60 19.14 -2.59
N TRP B 487 -10.68 19.27 -1.84
CA TRP B 487 -10.56 19.37 -0.38
C TRP B 487 -9.91 18.10 0.21
N ILE B 488 -10.37 16.90 -0.22
CA ILE B 488 -9.77 15.65 0.24
C ILE B 488 -8.28 15.57 -0.08
N LEU B 489 -7.95 15.98 -1.30
CA LEU B 489 -6.59 15.93 -1.86
C LEU B 489 -5.72 17.21 -1.62
N GLY B 490 -6.05 18.00 -0.62
CA GLY B 490 -5.05 18.97 -0.12
C GLY B 490 -5.37 20.47 -0.31
N LEU B 491 -6.42 20.77 -1.06
CA LEU B 491 -6.92 22.16 -1.13
C LEU B 491 -7.87 22.41 0.06
N ASN B 492 -7.28 22.63 1.22
CA ASN B 492 -7.94 22.89 2.51
C ASN B 492 -7.04 23.73 3.37
N PRO B 493 -7.56 24.23 4.51
CA PRO B 493 -6.74 25.19 5.18
C PRO B 493 -5.52 24.55 5.80
N PHE B 494 -5.46 23.20 5.83
CA PHE B 494 -4.28 22.57 6.42
C PHE B 494 -3.24 22.22 5.40
N ASP B 495 -3.47 22.51 4.13
CA ASP B 495 -2.53 22.14 3.03
C ASP B 495 -2.19 20.65 3.09
N MET B 496 -3.21 19.81 3.34
CA MET B 496 -3.00 18.41 3.78
C MET B 496 -3.79 17.46 2.89
N CYS B 497 -3.05 16.59 2.19
CA CYS B 497 -3.73 15.59 1.34
C CYS B 497 -4.09 14.43 2.27
N MET B 498 -5.34 14.05 2.23
CA MET B 498 -5.79 12.96 3.11
C MET B 498 -5.83 11.53 2.52
N LEU B 499 -5.36 11.40 1.26
CA LEU B 499 -5.16 10.11 0.65
C LEU B 499 -3.69 9.77 0.86
N ASP B 500 -3.44 8.72 1.62
CA ASP B 500 -2.08 8.41 2.10
C ASP B 500 -1.22 7.92 0.97
N GLY B 501 0.03 8.43 0.85
CA GLY B 501 0.93 8.06 -0.27
C GLY B 501 0.87 8.99 -1.46
N HIS B 502 -0.04 9.94 -1.42
CA HIS B 502 -0.17 11.00 -2.47
C HIS B 502 -0.17 12.38 -1.86
N GLY B 503 0.35 13.36 -2.60
CA GLY B 503 0.40 14.77 -2.06
C GLY B 503 1.32 14.93 -0.92
N ARG B 504 1.02 15.91 -0.06
CA ARG B 504 1.90 16.30 1.01
C ARG B 504 1.16 16.38 2.32
N ASN B 505 1.93 16.32 3.38
CA ASN B 505 1.44 16.42 4.75
C ASN B 505 0.48 15.31 5.12
N ASN B 506 0.66 14.11 4.56
CA ASN B 506 -0.28 13.05 4.96
C ASN B 506 -0.31 12.86 6.48
N PRO B 507 -1.51 12.82 7.11
CA PRO B 507 -1.54 12.64 8.55
C PRO B 507 -1.35 11.14 8.94
N ASP B 508 -0.72 10.87 10.05
CA ASP B 508 -0.73 9.51 10.58
C ASP B 508 -1.72 9.40 11.78
N TYR B 509 -1.90 8.19 12.30
CA TYR B 509 -2.81 7.98 13.42
C TYR B 509 -1.98 7.72 14.70
N LEU B 510 -1.67 6.47 15.03
CA LEU B 510 -0.80 6.20 16.21
C LEU B 510 0.37 5.28 15.89
N PRO B 511 1.35 5.76 15.10
CA PRO B 511 2.40 4.84 14.62
C PRO B 511 3.34 4.39 15.77
N GLU B 512 3.38 5.19 16.82
CA GLU B 512 4.16 4.86 18.02
C GLU B 512 3.58 3.67 18.74
N LEU B 513 2.29 3.45 18.58
CA LEU B 513 1.67 2.26 19.13
C LEU B 513 1.49 1.12 18.09
N GLY B 514 2.04 1.30 16.89
CA GLY B 514 1.95 0.26 15.84
C GLY B 514 0.65 0.35 15.06
N PHE B 515 -0.16 1.44 15.27
CA PHE B 515 -1.36 1.66 14.45
C PHE B 515 -1.09 2.72 13.42
N SER B 516 -0.40 2.30 12.35
CA SER B 516 0.06 3.22 11.29
C SER B 516 -0.99 3.26 10.24
N ASN B 517 -1.23 4.44 9.69
CA ASN B 517 -2.10 4.55 8.52
C ASN B 517 -1.45 3.86 7.30
N ALA B 518 -2.32 3.34 6.44
CA ALA B 518 -1.92 2.51 5.31
C ALA B 518 -1.91 3.34 4.02
N LYS B 519 -0.91 3.11 3.16
CA LYS B 519 -0.93 3.72 1.81
C LYS B 519 -2.20 3.35 1.02
N GLY B 520 -2.76 4.33 0.36
CA GLY B 520 -4.00 4.17 -0.43
C GLY B 520 -5.27 4.34 0.33
N GLY B 521 -5.20 4.47 1.65
CA GLY B 521 -6.38 4.71 2.52
C GLY B 521 -6.62 6.22 2.76
N VAL B 522 -7.79 6.55 3.30
CA VAL B 522 -8.20 7.92 3.49
C VAL B 522 -8.62 8.00 4.95
N CYS B 523 -8.17 9.05 5.59
CA CYS B 523 -8.47 9.29 6.98
C CYS B 523 -9.77 10.02 7.21
N ASN B 524 -10.20 10.08 8.50
CA ASN B 524 -11.49 10.73 8.84
C ASN B 524 -11.51 12.14 8.31
N GLY B 525 -10.53 12.92 8.72
CA GLY B 525 -10.22 14.27 8.16
C GLY B 525 -10.64 15.43 9.10
N ILE B 526 -11.09 16.53 8.51
CA ILE B 526 -11.18 17.80 9.23
C ILE B 526 -12.57 17.91 9.90
N THR B 527 -12.63 18.55 11.05
CA THR B 527 -13.89 18.74 11.74
C THR B 527 -14.05 20.24 12.06
N SER B 528 -15.15 20.57 12.74
CA SER B 528 -15.18 21.92 13.43
C SER B 528 -14.23 21.89 14.66
N GLY B 529 -14.10 23.03 15.38
CA GLY B 529 -13.17 23.10 16.48
C GLY B 529 -13.73 22.24 17.62
N PHE B 530 -12.86 21.74 18.49
CA PHE B 530 -13.30 20.93 19.64
C PHE B 530 -14.15 21.76 20.61
N GLU B 531 -13.69 22.99 20.86
CA GLU B 531 -14.40 23.92 21.78
C GLU B 531 -15.38 24.78 20.99
N ASN B 532 -14.99 25.19 19.80
CA ASN B 532 -15.81 26.08 19.03
C ASN B 532 -16.31 25.45 17.74
N GLU B 533 -17.56 25.00 17.75
CA GLU B 533 -18.12 24.31 16.61
C GLU B 533 -18.33 25.19 15.38
N GLN B 534 -18.07 26.50 15.51
CA GLN B 534 -18.01 27.42 14.35
C GLN B 534 -16.62 27.56 13.78
N GLY B 535 -15.65 26.93 14.46
CA GLY B 535 -14.22 26.82 14.09
C GLY B 535 -13.96 25.62 13.14
N ILE B 536 -12.68 25.36 12.92
CA ILE B 536 -12.26 24.26 11.99
C ILE B 536 -11.09 23.68 12.72
N ALA B 537 -10.91 22.34 12.74
CA ALA B 537 -9.79 21.80 13.45
C ALA B 537 -9.33 20.53 12.78
N PHE B 538 -8.05 20.21 13.01
CA PHE B 538 -7.50 18.90 12.65
C PHE B 538 -6.35 18.66 13.56
N LYS B 539 -6.47 17.61 14.41
CA LYS B 539 -5.47 17.32 15.53
C LYS B 539 -5.11 18.62 16.28
N PRO B 540 -6.14 19.36 16.69
CA PRO B 540 -5.87 20.58 17.49
C PRO B 540 -5.01 20.32 18.70
N GLU B 541 -4.16 21.32 19.00
CA GLU B 541 -3.14 21.16 20.04
C GLU B 541 -3.59 20.50 21.33
N LYS B 542 -4.73 20.96 21.83
CA LYS B 542 -5.21 20.51 23.12
C LYS B 542 -5.59 19.01 23.14
N GLN B 543 -6.07 18.47 22.02
CA GLN B 543 -6.54 17.07 22.02
C GLN B 543 -5.63 16.09 21.17
N LYS B 544 -4.62 16.63 20.47
CA LYS B 544 -3.79 15.83 19.56
C LYS B 544 -3.12 14.58 20.21
N ASP B 545 -2.78 14.63 21.50
CA ASP B 545 -2.13 13.50 22.16
C ASP B 545 -3.06 12.74 23.09
N ASP B 546 -4.33 13.08 23.08
CA ASP B 546 -5.28 12.44 23.95
C ASP B 546 -5.92 11.30 23.13
N MET B 547 -5.66 10.08 23.56
CA MET B 547 -6.16 8.94 22.80
C MET B 547 -7.65 8.75 22.83
N LEU B 548 -8.32 9.35 23.82
CA LEU B 548 -9.76 9.39 23.79
C LEU B 548 -10.39 10.25 22.69
N GLN B 549 -9.66 11.25 22.15
CA GLN B 549 -10.19 12.18 21.16
C GLN B 549 -9.51 12.14 19.78
N ASN B 550 -8.30 11.64 19.68
CA ASN B 550 -7.54 11.96 18.44
C ASN B 550 -7.84 11.02 17.25
N TRP B 551 -8.63 10.01 17.48
CA TRP B 551 -9.00 9.10 16.44
C TRP B 551 -9.94 9.90 15.54
N ARG B 552 -10.51 11.03 16.02
CA ARG B 552 -11.52 11.77 15.20
C ARG B 552 -10.96 12.37 13.93
N TRP B 553 -9.66 12.53 13.93
CA TRP B 553 -8.97 13.23 12.83
C TRP B 553 -8.14 12.30 11.91
N GLY B 554 -7.10 11.70 12.47
CA GLY B 554 -6.09 10.98 11.71
C GLY B 554 -6.36 9.51 11.40
N GLU B 555 -7.26 8.88 12.15
CA GLU B 555 -7.50 7.48 11.92
C GLU B 555 -8.03 7.21 10.54
N GLN B 556 -7.61 6.11 9.92
CA GLN B 556 -8.28 5.71 8.70
C GLN B 556 -9.52 4.76 8.98
N TRP B 557 -10.46 4.75 8.05
CA TRP B 557 -11.73 4.05 8.22
C TRP B 557 -12.17 3.62 6.81
N ILE B 558 -12.58 2.34 6.62
CA ILE B 558 -12.72 1.81 5.28
C ILE B 558 -13.82 2.59 4.49
N PRO B 559 -14.85 3.15 5.14
CA PRO B 559 -15.86 3.83 4.18
C PRO B 559 -15.21 5.01 3.42
N HIS B 560 -14.20 5.69 4.02
CA HIS B 560 -13.67 6.85 3.30
C HIS B 560 -13.04 6.35 1.99
N GLY B 561 -12.24 5.27 2.08
CA GLY B 561 -11.53 4.76 0.89
C GLY B 561 -12.57 4.22 -0.10
N ALA B 562 -13.59 3.54 0.39
CA ALA B 562 -14.60 2.94 -0.51
C ALA B 562 -15.37 4.02 -1.25
N TRP B 563 -15.72 5.08 -0.55
CA TRP B 563 -16.47 6.23 -1.21
C TRP B 563 -15.56 7.00 -2.18
N TYR B 564 -14.30 7.18 -1.82
CA TYR B 564 -13.34 7.85 -2.69
C TYR B 564 -13.19 6.97 -4.00
N LEU B 565 -13.13 5.64 -3.84
CA LEU B 565 -12.95 4.71 -4.96
C LEU B 565 -14.13 4.90 -5.91
N LEU B 566 -15.31 4.84 -5.35
CA LEU B 566 -16.48 5.05 -6.27
C LEU B 566 -16.53 6.49 -6.85
N ALA B 567 -16.22 7.52 -6.04
CA ALA B 567 -16.26 8.90 -6.52
C ALA B 567 -15.33 9.05 -7.77
N ILE B 568 -14.12 8.46 -7.73
CA ILE B 568 -13.14 8.69 -8.81
C ILE B 568 -13.48 7.85 -10.04
N THR B 569 -14.23 6.79 -9.84
CA THR B 569 -14.74 6.00 -10.97
C THR B 569 -15.92 6.79 -11.65
N MET B 570 -16.80 7.40 -10.87
CA MET B 570 -17.90 8.23 -11.48
C MET B 570 -17.25 9.46 -12.18
N GLN B 571 -16.19 10.01 -11.60
CA GLN B 571 -15.49 11.11 -12.29
C GLN B 571 -14.91 10.65 -13.63
N PHE B 572 -14.35 9.45 -13.60
CA PHE B 572 -13.77 8.87 -14.79
C PHE B 572 -14.85 8.71 -15.86
N LYS B 573 -16.00 8.21 -15.48
CA LYS B 573 -17.13 8.07 -16.44
C LYS B 573 -17.46 9.43 -17.11
N GLU B 574 -17.48 10.48 -16.31
CA GLU B 574 -17.98 11.81 -16.69
C GLU B 574 -16.82 12.76 -17.15
N ARG B 575 -15.61 12.21 -17.27
CA ARG B 575 -14.41 13.07 -17.42
C ARG B 575 -14.48 13.90 -18.74
N ASN B 576 -15.16 13.34 -19.77
CA ASN B 576 -15.34 14.09 -21.03
C ASN B 576 -16.60 14.99 -21.17
N HIS B 577 -17.38 15.00 -20.09
CA HIS B 577 -18.54 15.86 -19.88
C HIS B 577 -18.12 17.31 -19.65
N VAL B 578 -18.32 18.11 -20.69
CA VAL B 578 -18.27 19.57 -20.63
C VAL B 578 -19.69 19.97 -21.10
NA NA C . 16.66 -28.23 -10.36
C1 GCS D . 9.78 -11.76 -13.11
C2 GCS D . 10.79 -12.39 -14.09
C3 GCS D . 12.26 -12.20 -13.55
C4 GCS D . 12.51 -10.65 -13.30
C5 GCS D . 11.38 -10.08 -12.40
C6 GCS D . 11.58 -8.54 -12.10
N2 GCS D . 10.49 -13.84 -14.39
O1 GCS D . 8.59 -11.70 -13.89
O3 GCS D . 13.20 -12.66 -14.54
O4 GCS D . 13.81 -10.58 -12.68
O5 GCS D . 10.08 -10.29 -13.12
O6 GCS D . 11.53 -7.82 -13.33
NA NA E . -30.39 -4.53 15.56
C1 GCS F . -13.77 2.59 14.78
C2 GCS F . -14.77 3.16 15.76
C3 GCS F . -15.67 4.18 14.94
C4 GCS F . -14.89 5.33 14.17
C5 GCS F . -13.85 4.63 13.25
C6 GCS F . -12.86 5.58 12.60
N2 GCS F . -15.60 2.05 16.36
O1 GCS F . -12.67 1.99 15.49
O3 GCS F . -16.70 4.74 15.72
O4 GCS F . -15.87 5.99 13.37
O5 GCS F . -13.04 3.76 14.15
O6 GCS F . -12.26 6.50 13.57
#